data_8IMF
#
_entry.id   8IMF
#
_cell.length_a   213.367
_cell.length_b   45.981
_cell.length_c   87.183
_cell.angle_alpha   90.00
_cell.angle_beta   113.42
_cell.angle_gamma   90.00
#
_symmetry.space_group_name_H-M   'C 1 2 1'
#
loop_
_entity.id
_entity.type
_entity.pdbx_description
1 polymer 'Cyclic GMP-AMP synthase'
2 non-polymer 'ZINC ION'
3 non-polymer 5,6,7-trihydroxy-2-phenyl-4H-chromen-4-one
4 water water
#
_entity_poly.entity_id   1
_entity_poly.type   'polypeptide(L)'
_entity_poly.pdbx_seq_one_letter_code
;DAAPGASKLRAVLEKLKLSRDDISTAAGMVKGVVDHLLLRLKCDSAFRGVGLLNTGSYYEHVKISAPNEFDVMFKLEVPR
IQLEEYSNTRAYYFVKFKRNPKENPLSQFLEGEILSASKMLSKFRKIIKEEINDIKDTDVIMKRKRGGSPAVTLLISEKI
SVDITLALESKSSWPASTQEGLRIQNWLSAKVRKQLRLKPFYLVPKHAKEGNGFQEETWRLSFSHIEKEILNNHGKSKTC
CENKEEKCCRKDCLKLMKYLLEQLKERFKDKKHLDKFSSYHVKTAFFHVCTQNPQDSQWDRKDLGLCFDNCVTYFLQCLR
TEKLENYFIPEFNLFSSNLIDKRSKEFLTKQIEYERNNEFPVFDEF
;
_entity_poly.pdbx_strand_id   A,B
#
# COMPACT_ATOMS: atom_id res chain seq x y z
N GLY A 5 -5.10 -15.59 -36.00
CA GLY A 5 -3.65 -15.43 -35.91
C GLY A 5 -3.17 -15.22 -34.49
N ALA A 6 -4.02 -15.60 -33.52
CA ALA A 6 -3.69 -15.42 -32.12
C ALA A 6 -2.43 -16.22 -31.74
N SER A 7 -2.28 -17.41 -32.32
CA SER A 7 -1.12 -18.24 -32.04
C SER A 7 0.18 -17.54 -32.42
N LYS A 8 0.14 -16.70 -33.46
CA LYS A 8 1.32 -15.92 -33.83
C LYS A 8 1.67 -14.91 -32.74
N LEU A 9 0.64 -14.26 -32.17
CA LEU A 9 0.87 -13.34 -31.05
C LEU A 9 1.63 -14.04 -29.93
N ARG A 10 1.20 -15.25 -29.57
CA ARG A 10 1.89 -15.97 -28.50
C ARG A 10 3.27 -16.44 -28.94
N ALA A 11 3.46 -16.68 -30.24
CA ALA A 11 4.82 -16.93 -30.73
C ALA A 11 5.71 -15.73 -30.48
N VAL A 12 5.15 -14.52 -30.64
CA VAL A 12 5.90 -13.31 -30.32
C VAL A 12 6.18 -13.25 -28.82
N LEU A 13 5.15 -13.46 -27.99
CA LEU A 13 5.33 -13.42 -26.55
C LEU A 13 6.33 -14.48 -26.09
N GLU A 14 6.40 -15.61 -26.79
CA GLU A 14 7.37 -16.64 -26.44
C GLU A 14 8.79 -16.11 -26.54
N LYS A 15 9.11 -15.42 -27.64
CA LYS A 15 10.46 -14.94 -27.85
C LYS A 15 10.78 -13.74 -26.94
N LEU A 16 9.81 -12.84 -26.75
CA LEU A 16 10.04 -11.70 -25.87
C LEU A 16 10.40 -12.14 -24.46
N LYS A 17 9.87 -13.29 -24.02
CA LYS A 17 10.15 -13.79 -22.68
C LYS A 17 11.52 -14.46 -22.59
N LEU A 18 11.89 -15.25 -23.60
CA LEU A 18 13.16 -15.98 -23.54
C LEU A 18 14.36 -15.05 -23.50
N SER A 19 14.25 -13.87 -24.11
CA SER A 19 15.32 -12.89 -24.04
C SER A 19 15.45 -12.25 -22.67
N ARG A 20 14.44 -12.41 -21.80
CA ARG A 20 14.52 -11.82 -20.47
C ARG A 20 15.51 -12.55 -19.59
N ASP A 21 15.51 -13.89 -19.64
CA ASP A 21 16.52 -14.65 -18.91
C ASP A 21 17.92 -14.40 -19.46
N ASP A 22 18.02 -14.13 -20.76
CA ASP A 22 19.29 -13.80 -21.42
C ASP A 22 19.75 -12.37 -21.14
N ILE A 23 19.11 -11.62 -20.23
CA ILE A 23 19.48 -10.22 -20.01
C ILE A 23 19.44 -9.89 -18.52
N SER A 24 18.97 -10.83 -17.69
CA SER A 24 19.06 -10.64 -16.24
C SER A 24 20.51 -10.47 -15.79
N THR A 25 21.46 -10.94 -16.60
CA THR A 25 22.86 -10.63 -16.35
C THR A 25 23.16 -9.17 -16.62
N ALA A 26 22.54 -8.60 -17.66
CA ALA A 26 22.77 -7.20 -18.01
C ALA A 26 22.28 -6.27 -16.90
N ALA A 27 21.17 -6.62 -16.26
CA ALA A 27 20.65 -5.79 -15.18
C ALA A 27 21.60 -5.74 -14.00
N GLY A 28 22.37 -6.80 -13.78
CA GLY A 28 23.37 -6.77 -12.73
C GLY A 28 24.49 -5.80 -13.03
N MET A 29 24.98 -5.79 -14.28
CA MET A 29 26.02 -4.84 -14.67
C MET A 29 25.54 -3.40 -14.52
N VAL A 30 24.24 -3.17 -14.65
CA VAL A 30 23.69 -1.83 -14.48
C VAL A 30 23.61 -1.47 -13.00
N LYS A 31 23.13 -2.39 -12.17
CA LYS A 31 23.00 -2.11 -10.74
C LYS A 31 24.34 -1.71 -10.12
N GLY A 32 25.43 -2.35 -10.56
CA GLY A 32 26.73 -2.01 -10.02
C GLY A 32 27.13 -0.58 -10.33
N VAL A 33 27.02 -0.20 -11.60
CA VAL A 33 27.39 1.17 -12.01
C VAL A 33 26.50 2.19 -11.29
N VAL A 34 25.22 1.87 -11.14
CA VAL A 34 24.28 2.83 -10.55
C VAL A 34 24.62 3.06 -9.08
N ASP A 35 24.95 2.00 -8.34
CA ASP A 35 25.22 2.13 -6.92
C ASP A 35 26.45 2.98 -6.67
N HIS A 36 27.48 2.87 -7.52
CA HIS A 36 28.66 3.70 -7.37
C HIS A 36 28.35 5.16 -7.66
N LEU A 37 27.58 5.42 -8.72
CA LEU A 37 27.22 6.79 -9.05
C LEU A 37 26.45 7.45 -7.90
N LEU A 38 25.56 6.71 -7.26
CA LEU A 38 24.78 7.27 -6.17
C LEU A 38 25.64 7.55 -4.94
N LEU A 39 26.65 6.71 -4.71
CA LEU A 39 27.55 6.92 -3.57
C LEU A 39 28.25 8.27 -3.69
N ARG A 40 28.83 8.56 -4.86
CA ARG A 40 29.54 9.82 -5.04
C ARG A 40 28.59 11.00 -5.19
N LEU A 41 27.43 10.80 -5.81
CA LEU A 41 26.45 11.89 -5.89
C LEU A 41 25.94 12.26 -4.50
N LYS A 42 25.82 11.26 -3.61
CA LYS A 42 25.39 11.55 -2.24
C LYS A 42 26.45 12.31 -1.46
N CYS A 43 27.73 12.15 -1.85
CA CYS A 43 28.79 12.93 -1.21
C CYS A 43 28.61 14.42 -1.44
N ASP A 44 27.99 14.79 -2.55
CA ASP A 44 27.76 16.19 -2.87
C ASP A 44 26.60 16.74 -2.05
N SER A 45 26.74 18.00 -1.63
CA SER A 45 25.72 18.61 -0.78
C SER A 45 24.39 18.74 -1.51
N ALA A 46 24.42 19.13 -2.78
CA ALA A 46 23.18 19.40 -3.50
C ALA A 46 22.40 18.13 -3.79
N PHE A 47 23.07 16.99 -3.94
CA PHE A 47 22.42 15.72 -4.24
C PHE A 47 22.43 14.78 -3.05
N ARG A 48 22.42 15.34 -1.83
CA ARG A 48 22.55 14.51 -0.64
C ARG A 48 21.37 13.57 -0.48
N GLY A 49 20.19 13.95 -0.97
CA GLY A 49 19.03 13.10 -0.83
C GLY A 49 18.70 12.31 -2.08
N VAL A 50 19.73 11.87 -2.80
CA VAL A 50 19.50 11.15 -4.05
C VAL A 50 19.20 9.69 -3.77
N GLY A 51 18.45 9.08 -4.68
CA GLY A 51 18.03 7.70 -4.54
C GLY A 51 17.39 7.21 -5.82
N LEU A 52 16.74 6.07 -5.74
CA LEU A 52 16.20 5.41 -6.93
C LEU A 52 14.68 5.48 -6.95
N LEU A 53 14.14 5.45 -8.16
CA LEU A 53 12.72 5.24 -8.36
C LEU A 53 12.51 3.88 -9.02
N ASN A 54 11.25 3.56 -9.31
CA ASN A 54 10.84 2.23 -9.73
C ASN A 54 11.18 1.20 -8.65
N TYR A 59 15.98 -1.04 -12.64
CA TYR A 59 15.95 -1.24 -14.08
C TYR A 59 14.53 -1.27 -14.62
N GLU A 60 14.36 -0.66 -15.80
CA GLU A 60 13.10 -0.71 -16.54
C GLU A 60 13.45 -0.63 -18.01
N HIS A 61 12.49 -1.01 -18.86
CA HIS A 61 12.73 -1.08 -20.30
C HIS A 61 11.66 -0.26 -21.03
N VAL A 62 12.01 0.98 -21.37
CA VAL A 62 11.15 1.77 -22.25
C VAL A 62 11.01 1.10 -23.60
N LYS A 63 12.11 0.52 -24.10
CA LYS A 63 12.10 -0.26 -25.33
C LYS A 63 12.18 -1.74 -24.97
N ILE A 64 11.06 -2.45 -25.14
CA ILE A 64 11.00 -3.85 -24.73
C ILE A 64 11.85 -4.72 -25.66
N SER A 65 11.87 -4.40 -26.95
CA SER A 65 12.65 -5.18 -27.91
C SER A 65 14.14 -4.83 -27.89
N ALA A 66 14.58 -4.00 -26.94
CA ALA A 66 15.98 -3.65 -26.76
C ALA A 66 16.39 -4.02 -25.33
N PRO A 67 16.53 -5.32 -25.06
CA PRO A 67 16.73 -5.76 -23.66
C PRO A 67 18.02 -5.25 -23.05
N ASN A 68 19.00 -4.84 -23.85
CA ASN A 68 20.26 -4.30 -23.34
C ASN A 68 20.19 -2.79 -23.11
N GLU A 69 19.00 -2.20 -23.15
CA GLU A 69 18.82 -0.76 -22.99
C GLU A 69 17.92 -0.51 -21.79
N PHE A 70 18.48 0.07 -20.75
CA PHE A 70 17.79 0.26 -19.48
C PHE A 70 17.52 1.74 -19.24
N ASP A 71 16.54 2.01 -18.37
CA ASP A 71 16.18 3.37 -17.99
C ASP A 71 16.13 3.44 -16.47
N VAL A 72 16.94 4.32 -15.89
CA VAL A 72 17.00 4.51 -14.45
C VAL A 72 16.62 5.94 -14.13
N MET A 73 15.85 6.11 -13.05
CA MET A 73 15.46 7.42 -12.55
C MET A 73 16.08 7.61 -11.18
N PHE A 74 16.98 8.59 -11.06
CA PHE A 74 17.52 9.01 -9.77
C PHE A 74 16.58 10.06 -9.19
N LYS A 75 16.08 9.81 -7.99
CA LYS A 75 15.14 10.72 -7.35
C LYS A 75 15.88 11.59 -6.33
N LEU A 76 15.45 12.85 -6.22
CA LEU A 76 16.02 13.81 -5.28
C LEU A 76 14.86 14.50 -4.59
N GLU A 77 14.70 14.26 -3.29
CA GLU A 77 13.64 14.93 -2.55
C GLU A 77 13.99 16.40 -2.33
N VAL A 78 12.97 17.25 -2.39
CA VAL A 78 13.16 18.68 -2.17
C VAL A 78 12.29 19.18 -1.02
N ARG A 80 10.42 21.19 0.24
CA ARG A 80 9.09 21.78 0.27
C ARG A 80 8.98 22.89 -0.78
N ILE A 81 8.44 22.56 -1.95
CA ILE A 81 8.48 23.47 -3.09
C ILE A 81 7.24 24.34 -3.21
N GLN A 82 7.34 25.32 -4.11
CA GLN A 82 6.21 26.05 -4.66
C GLN A 82 6.34 25.98 -6.17
N LEU A 83 5.24 25.63 -6.84
CA LEU A 83 5.28 25.37 -8.27
C LEU A 83 4.44 26.39 -9.02
N GLU A 84 4.96 26.80 -10.18
CA GLU A 84 4.32 27.79 -11.03
C GLU A 84 4.14 27.18 -12.41
N GLU A 85 2.89 26.99 -12.82
CA GLU A 85 2.61 26.40 -14.12
C GLU A 85 3.15 27.29 -15.23
N TYR A 86 3.80 26.67 -16.21
CA TYR A 86 4.31 27.39 -17.37
C TYR A 86 3.20 27.50 -18.40
N SER A 87 2.72 28.72 -18.63
CA SER A 87 1.88 29.07 -19.78
C SER A 87 0.74 28.07 -19.98
N ASN A 88 0.07 27.70 -18.89
CA ASN A 88 -1.11 26.85 -18.90
C ASN A 88 -0.86 25.49 -19.57
N THR A 89 0.39 25.03 -19.60
CA THR A 89 0.71 23.76 -20.24
C THR A 89 0.09 22.57 -19.50
N ARG A 90 -0.31 22.76 -18.24
CA ARG A 90 -0.92 21.74 -17.40
C ARG A 90 0.06 20.64 -17.00
N ALA A 91 1.26 20.63 -17.59
CA ALA A 91 2.25 19.61 -17.30
C ALA A 91 3.65 20.13 -17.04
N TYR A 92 3.97 21.35 -17.44
CA TYR A 92 5.30 21.91 -17.26
C TYR A 92 5.26 23.04 -16.24
N TYR A 93 6.28 23.13 -15.39
CA TYR A 93 6.27 24.07 -14.29
C TYR A 93 7.67 24.64 -14.06
N PHE A 94 7.69 25.85 -13.50
CA PHE A 94 8.86 26.34 -12.79
C PHE A 94 8.73 25.94 -11.33
N VAL A 95 9.85 25.63 -10.70
CA VAL A 95 9.83 25.22 -9.32
C VAL A 95 10.50 26.34 -8.50
N LYS A 96 9.68 27.15 -7.85
CA LYS A 96 10.13 28.12 -6.87
C LYS A 96 10.21 27.44 -5.50
N PHE A 97 10.39 28.22 -4.44
CA PHE A 97 10.64 27.64 -3.13
C PHE A 97 9.81 28.33 -2.06
N LYS A 98 9.89 27.81 -0.85
CA LYS A 98 9.19 28.35 0.31
C LYS A 98 9.93 29.56 0.87
N ASN A 104 18.84 26.12 1.85
CA ASN A 104 18.52 24.98 0.98
C ASN A 104 19.77 24.49 0.25
N PRO A 105 19.88 23.17 0.08
CA PRO A 105 21.08 22.62 -0.56
C PRO A 105 21.18 22.92 -2.04
N LEU A 106 20.11 23.48 -2.64
CA LEU A 106 20.09 23.78 -4.06
C LEU A 106 20.15 25.28 -4.34
N SER A 107 20.61 26.06 -3.36
CA SER A 107 20.83 27.49 -3.62
C SER A 107 21.80 27.69 -4.78
N GLN A 108 22.75 26.76 -4.96
CA GLN A 108 23.61 26.72 -6.14
C GLN A 108 22.86 27.08 -7.40
N PHE A 109 21.76 26.36 -7.65
CA PHE A 109 21.09 26.33 -8.94
C PHE A 109 19.97 27.34 -9.05
N LEU A 110 19.87 28.29 -8.12
CA LEU A 110 18.83 29.30 -8.22
C LEU A 110 19.18 30.32 -9.28
N GLU A 111 18.22 30.61 -10.16
CA GLU A 111 18.31 31.68 -11.15
C GLU A 111 17.14 32.60 -10.85
N GLY A 112 17.38 33.62 -10.04
CA GLY A 112 16.31 34.41 -9.49
C GLY A 112 15.60 33.64 -8.39
N GLU A 113 14.31 33.40 -8.56
CA GLU A 113 13.55 32.55 -7.64
C GLU A 113 13.26 31.18 -8.24
N ILE A 114 13.75 30.90 -9.44
CA ILE A 114 13.50 29.65 -10.15
C ILE A 114 14.70 28.73 -9.96
N LEU A 115 14.43 27.46 -9.68
CA LEU A 115 15.47 26.44 -9.67
C LEU A 115 15.83 26.11 -11.12
N SER A 116 17.09 26.31 -11.48
CA SER A 116 17.51 26.17 -12.86
C SER A 116 17.72 24.69 -13.19
N ALA A 117 16.93 24.17 -14.13
CA ALA A 117 17.18 22.83 -14.64
C ALA A 117 18.55 22.74 -15.29
N SER A 118 18.93 23.76 -16.08
CA SER A 118 20.18 23.74 -16.81
C SER A 118 21.38 23.60 -15.87
N LYS A 119 21.44 24.45 -14.85
CA LYS A 119 22.56 24.41 -13.91
C LYS A 119 22.53 23.13 -13.08
N MET A 120 21.35 22.73 -12.61
CA MET A 120 21.25 21.49 -11.86
C MET A 120 21.57 20.29 -12.73
N LEU A 121 21.13 20.30 -13.99
CA LEU A 121 21.49 19.23 -14.91
C LEU A 121 22.99 19.21 -15.16
N SER A 122 23.62 20.39 -15.25
CA SER A 122 25.05 20.46 -15.51
C SER A 122 25.85 19.75 -14.43
N LYS A 123 25.76 20.22 -13.18
CA LYS A 123 26.47 19.58 -12.08
C LYS A 123 26.12 18.11 -12.00
N PHE A 124 24.89 17.74 -12.33
CA PHE A 124 24.50 16.34 -12.36
C PHE A 124 25.38 15.56 -13.33
N ARG A 125 25.45 16.02 -14.58
CA ARG A 125 26.26 15.33 -15.57
C ARG A 125 27.73 15.25 -15.15
N LYS A 126 28.30 16.38 -14.73
CA LYS A 126 29.73 16.43 -14.46
C LYS A 126 30.14 15.43 -13.39
N ILE A 127 29.33 15.29 -12.34
CA ILE A 127 29.64 14.33 -11.29
C ILE A 127 29.61 12.91 -11.85
N ILE A 128 28.70 12.64 -12.79
CA ILE A 128 28.62 11.31 -13.38
C ILE A 128 29.75 11.10 -14.39
N LYS A 129 30.00 12.11 -15.24
CA LYS A 129 31.10 12.00 -16.20
C LYS A 129 32.43 11.82 -15.49
N GLU A 130 32.59 12.42 -14.31
CA GLU A 130 33.82 12.21 -13.55
C GLU A 130 33.88 10.82 -12.95
N GLU A 131 32.74 10.33 -12.43
CA GLU A 131 32.73 9.03 -11.76
C GLU A 131 32.83 7.88 -12.75
N ILE A 132 32.30 8.06 -13.96
CA ILE A 132 32.31 6.99 -14.95
C ILE A 132 33.71 6.64 -15.40
N ASN A 133 34.69 7.51 -15.14
CA ASN A 133 36.07 7.24 -15.53
C ASN A 133 36.72 6.22 -14.61
N ASP A 134 35.93 5.28 -14.10
CA ASP A 134 36.42 4.28 -13.15
C ASP A 134 35.88 2.89 -13.48
N VAL A 140 33.06 2.56 -20.82
CA VAL A 140 32.19 3.26 -19.87
C VAL A 140 32.14 4.75 -20.25
N ILE A 141 31.29 5.08 -21.21
CA ILE A 141 31.25 6.43 -21.76
C ILE A 141 29.87 7.04 -21.55
N MET A 142 29.81 8.36 -21.63
CA MET A 142 28.58 9.13 -21.58
C MET A 142 28.32 9.75 -22.95
N LYS A 143 27.05 9.82 -23.34
CA LYS A 143 26.68 10.35 -24.64
C LYS A 143 26.48 11.86 -24.58
N GLY A 148 16.17 18.03 -21.62
CA GLY A 148 17.08 16.94 -21.33
C GLY A 148 16.49 15.85 -20.47
N SER A 149 15.40 15.25 -20.98
CA SER A 149 14.67 14.15 -20.32
C SER A 149 15.66 13.09 -19.88
N PRO A 150 16.20 12.30 -20.81
CA PRO A 150 17.38 11.49 -20.47
C PRO A 150 18.58 12.41 -20.29
N ALA A 151 18.93 12.69 -19.03
CA ALA A 151 20.05 13.57 -18.73
C ALA A 151 21.35 13.02 -19.31
N VAL A 152 21.77 11.85 -18.84
CA VAL A 152 22.95 11.19 -19.36
C VAL A 152 22.57 9.81 -19.86
N THR A 153 23.33 9.33 -20.84
CA THR A 153 23.21 7.97 -21.35
C THR A 153 24.58 7.32 -21.27
N LEU A 154 24.67 6.20 -20.58
CA LEU A 154 25.93 5.49 -20.43
C LEU A 154 25.99 4.31 -21.37
N LEU A 155 27.21 3.90 -21.70
CA LEU A 155 27.47 2.67 -22.44
C LEU A 155 28.43 1.83 -21.60
N ILE A 156 27.92 0.76 -20.99
CA ILE A 156 28.72 -0.15 -20.21
C ILE A 156 29.28 -1.22 -21.13
N SER A 157 30.59 -1.45 -21.05
CA SER A 157 31.30 -2.28 -22.02
C SER A 157 31.00 -1.73 -23.42
N GLU A 158 30.37 -2.54 -24.26
CA GLU A 158 29.96 -2.06 -25.57
C GLU A 158 28.60 -2.59 -25.99
N LYS A 159 27.86 -3.24 -25.10
CA LYS A 159 26.53 -3.77 -25.42
C LYS A 159 25.42 -3.17 -24.58
N ILE A 160 25.69 -2.83 -23.32
CA ILE A 160 24.65 -2.43 -22.38
C ILE A 160 24.68 -0.90 -22.28
N SER A 161 23.54 -0.28 -22.55
CA SER A 161 23.35 1.15 -22.40
C SER A 161 22.31 1.41 -21.30
N VAL A 162 22.45 2.55 -20.63
CA VAL A 162 21.51 2.95 -19.60
C VAL A 162 21.30 4.46 -19.68
N ASP A 163 20.04 4.88 -19.66
CA ASP A 163 19.67 6.28 -19.63
C ASP A 163 19.27 6.63 -18.20
N ILE A 164 19.93 7.64 -17.63
CA ILE A 164 19.69 8.08 -16.26
C ILE A 164 18.92 9.39 -16.32
N THR A 165 17.77 9.43 -15.65
CA THR A 165 16.94 10.62 -15.58
C THR A 165 16.92 11.12 -14.14
N LEU A 166 17.19 12.42 -13.97
CA LEU A 166 17.09 13.06 -12.66
C LEU A 166 15.66 13.54 -12.44
N ALA A 167 15.18 13.40 -11.21
CA ALA A 167 13.81 13.78 -10.89
C ALA A 167 13.73 14.36 -9.49
N LEU A 168 12.99 15.46 -9.37
CA LEU A 168 12.66 16.00 -8.06
C LEU A 168 11.48 15.24 -7.47
N GLU A 169 11.55 14.98 -6.17
CA GLU A 169 10.48 14.31 -5.45
C GLU A 169 9.81 15.31 -4.51
N SER A 170 8.48 15.38 -4.59
CA SER A 170 7.69 16.24 -3.72
C SER A 170 6.63 15.38 -3.06
N LYS A 171 6.65 15.35 -1.72
CA LYS A 171 5.67 14.61 -0.95
C LYS A 171 4.44 15.44 -0.60
N SER A 172 4.21 16.54 -1.32
CA SER A 172 3.01 17.34 -1.16
C SER A 172 1.91 16.81 -2.05
N SER A 173 0.69 17.31 -1.84
CA SER A 173 -0.43 16.86 -2.64
C SER A 173 -0.20 17.20 -4.11
N TRP A 174 -0.80 16.39 -4.99
CA TRP A 174 -0.52 16.49 -6.42
C TRP A 174 -1.05 17.81 -6.98
N PRO A 175 -0.49 18.26 -8.12
CA PRO A 175 -0.98 19.50 -8.72
C PRO A 175 -2.44 19.43 -9.13
N ALA A 176 -3.08 20.59 -9.16
CA ALA A 176 -4.49 20.67 -9.52
C ALA A 176 -4.77 20.14 -10.91
N SER A 177 -3.78 20.20 -11.82
CA SER A 177 -3.97 19.66 -13.16
C SER A 177 -4.09 18.14 -13.17
N THR A 178 -3.97 17.48 -12.02
CA THR A 178 -4.17 16.04 -11.89
C THR A 178 -5.51 15.67 -11.28
N GLN A 179 -6.36 16.67 -10.95
CA GLN A 179 -7.53 16.40 -10.14
C GLN A 179 -8.48 15.42 -10.81
N GLU A 180 -8.66 15.53 -12.13
CA GLU A 180 -9.61 14.69 -12.86
C GLU A 180 -8.93 13.65 -13.74
N GLY A 181 -7.69 13.30 -13.42
CA GLY A 181 -7.00 12.19 -14.05
C GLY A 181 -7.01 10.95 -13.17
N LEU A 182 -6.27 9.94 -13.63
CA LEU A 182 -6.17 8.65 -12.93
C LEU A 182 -7.56 8.09 -12.63
N ARG A 183 -8.38 7.99 -13.68
CA ARG A 183 -9.76 7.51 -13.57
C ARG A 183 -9.77 5.99 -13.44
N ILE A 184 -9.31 5.52 -12.28
CA ILE A 184 -9.23 4.08 -12.00
C ILE A 184 -10.35 3.60 -11.09
N GLN A 185 -11.28 4.48 -10.71
CA GLN A 185 -12.22 4.16 -9.64
C GLN A 185 -13.07 2.93 -9.96
N ASN A 186 -13.54 2.81 -11.20
CA ASN A 186 -14.38 1.68 -11.58
C ASN A 186 -13.56 0.46 -11.97
N TRP A 187 -12.24 0.59 -12.03
CA TRP A 187 -11.35 -0.51 -12.40
C TRP A 187 -10.56 -1.02 -11.20
N LEU A 188 -9.72 -0.17 -10.60
CA LEU A 188 -8.89 -0.56 -9.47
C LEU A 188 -9.39 -0.06 -8.13
N SER A 189 -10.44 0.78 -8.12
CA SER A 189 -11.21 1.25 -6.97
C SER A 189 -10.80 2.64 -6.51
N ALA A 190 -11.78 3.41 -6.03
CA ALA A 190 -11.51 4.75 -5.53
C ALA A 190 -10.60 4.73 -4.32
N LYS A 191 -10.65 3.65 -3.54
CA LYS A 191 -9.77 3.54 -2.37
C LYS A 191 -8.31 3.44 -2.81
N VAL A 192 -8.05 2.77 -3.93
CA VAL A 192 -6.69 2.69 -4.44
C VAL A 192 -6.27 4.04 -5.03
N ARG A 193 -7.22 4.75 -5.67
CA ARG A 193 -6.89 6.05 -6.21
C ARG A 193 -6.47 7.02 -5.10
N LYS A 194 -7.16 6.99 -3.97
CA LYS A 194 -6.75 7.83 -2.86
C LYS A 194 -5.40 7.39 -2.29
N GLN A 195 -5.15 6.09 -2.27
CA GLN A 195 -3.86 5.58 -1.79
C GLN A 195 -2.72 6.11 -2.64
N LEU A 196 -2.83 5.95 -3.97
CA LEU A 196 -1.77 6.37 -4.87
C LEU A 196 -1.56 7.88 -4.82
N ARG A 197 -2.65 8.64 -4.77
CA ARG A 197 -2.54 10.10 -4.78
C ARG A 197 -1.98 10.65 -3.48
N LEU A 198 -1.81 9.83 -2.45
CA LEU A 198 -1.07 10.25 -1.26
C LEU A 198 0.42 10.01 -1.39
N LYS A 199 0.86 9.30 -2.42
CA LYS A 199 2.28 9.10 -2.68
C LYS A 199 2.87 10.37 -3.24
N PRO A 200 4.20 10.49 -3.28
CA PRO A 200 4.82 11.66 -3.90
C PRO A 200 4.68 11.63 -5.42
N PHE A 201 4.75 12.82 -6.00
CA PHE A 201 4.88 12.98 -7.45
C PHE A 201 6.28 13.47 -7.78
N TYR A 202 6.62 13.41 -9.07
CA TYR A 202 7.99 13.66 -9.49
C TYR A 202 8.03 14.67 -10.63
N LEU A 203 9.20 15.26 -10.83
CA LEU A 203 9.42 16.29 -11.83
C LEU A 203 10.75 16.06 -12.51
N VAL A 204 10.72 15.91 -13.82
CA VAL A 204 11.93 15.71 -14.61
C VAL A 204 12.21 16.99 -15.39
N PRO A 205 13.47 17.41 -15.50
CA PRO A 205 13.79 18.63 -16.27
C PRO A 205 13.51 18.38 -17.75
N LYS A 206 12.61 19.18 -18.32
CA LYS A 206 12.20 18.96 -19.70
C LYS A 206 11.92 20.28 -20.38
N HIS A 207 12.49 20.47 -21.57
CA HIS A 207 12.24 21.67 -22.36
C HIS A 207 10.76 21.83 -22.65
N ALA A 208 10.32 23.09 -22.73
CA ALA A 208 8.93 23.44 -23.01
C ALA A 208 8.91 24.37 -24.21
N LYS A 209 8.16 23.99 -25.25
CA LYS A 209 8.11 24.75 -26.49
C LYS A 209 7.46 26.12 -26.30
N GLN A 215 11.15 27.17 -23.70
CA GLN A 215 11.72 27.37 -22.38
C GLN A 215 12.71 26.26 -22.01
N GLU A 216 13.67 26.61 -21.16
CA GLU A 216 14.74 25.70 -20.79
C GLU A 216 14.88 25.48 -19.29
N GLU A 217 14.02 26.10 -18.47
CA GLU A 217 14.07 25.94 -17.03
C GLU A 217 12.76 25.38 -16.47
N THR A 218 12.07 24.57 -17.28
CA THR A 218 10.80 23.97 -16.89
C THR A 218 10.99 22.52 -16.46
N TRP A 219 10.04 22.03 -15.68
CA TRP A 219 10.03 20.65 -15.21
C TRP A 219 8.67 20.03 -15.54
N ARG A 220 8.69 18.77 -15.98
CA ARG A 220 7.48 18.07 -16.39
C ARG A 220 7.13 16.99 -15.39
N LEU A 221 5.83 16.86 -15.08
CA LEU A 221 5.37 15.91 -14.08
C LEU A 221 5.62 14.47 -14.55
N SER A 222 6.13 13.65 -13.64
CA SER A 222 6.35 12.24 -13.90
C SER A 222 5.58 11.41 -12.87
N PHE A 223 5.00 10.30 -13.33
CA PHE A 223 4.30 9.37 -12.47
C PHE A 223 4.72 7.94 -12.76
N SER A 224 5.96 7.76 -13.22
CA SER A 224 6.45 6.43 -13.57
C SER A 224 6.26 5.44 -12.42
N HIS A 225 6.35 5.90 -11.18
CA HIS A 225 6.17 5.01 -10.04
C HIS A 225 4.72 4.54 -9.95
N ILE A 226 3.76 5.44 -10.21
CA ILE A 226 2.36 5.03 -10.22
C ILE A 226 2.07 4.12 -11.40
N GLU A 227 2.68 4.40 -12.55
CA GLU A 227 2.45 3.58 -13.74
C GLU A 227 2.88 2.13 -13.49
N LYS A 228 3.98 1.94 -12.76
CA LYS A 228 4.44 0.59 -12.46
C LYS A 228 3.50 -0.12 -11.49
N GLU A 229 2.97 0.62 -10.51
CA GLU A 229 2.07 0.01 -9.54
C GLU A 229 0.82 -0.54 -10.23
N ILE A 230 0.17 0.26 -11.07
CA ILE A 230 -1.04 -0.22 -11.73
C ILE A 230 -0.76 -1.18 -12.87
N LEU A 231 0.49 -1.27 -13.34
CA LEU A 231 0.83 -2.27 -14.34
C LEU A 231 0.99 -3.64 -13.70
N ASN A 232 1.55 -3.69 -12.49
CA ASN A 232 1.84 -4.94 -11.80
C ASN A 232 0.81 -5.27 -10.72
N ASN A 233 -0.27 -4.48 -10.63
CA ASN A 233 -1.40 -4.74 -9.76
C ASN A 233 -2.63 -4.30 -10.55
N HIS A 234 -2.91 -5.05 -11.62
CA HIS A 234 -3.65 -4.54 -12.77
C HIS A 234 -5.09 -5.02 -12.86
N GLY A 235 -5.53 -5.90 -11.96
CA GLY A 235 -6.86 -6.46 -12.04
C GLY A 235 -7.83 -5.87 -11.04
N LYS A 236 -9.12 -5.97 -11.39
CA LYS A 236 -10.16 -5.70 -10.40
C LYS A 236 -10.06 -6.69 -9.25
N SER A 237 -9.92 -7.97 -9.57
CA SER A 237 -9.67 -8.98 -8.54
C SER A 237 -8.23 -8.87 -8.04
N LYS A 238 -8.08 -8.80 -6.72
CA LYS A 238 -6.73 -8.78 -6.16
C LYS A 238 -5.94 -10.04 -6.50
N THR A 239 -6.60 -11.13 -6.87
CA THR A 239 -5.93 -12.37 -7.25
C THR A 239 -5.83 -12.55 -8.76
N CYS A 240 -5.97 -11.48 -9.52
CA CYS A 240 -5.81 -11.57 -10.98
C CYS A 240 -4.43 -12.09 -11.32
N CYS A 241 -4.39 -13.13 -12.15
CA CYS A 241 -3.19 -13.80 -12.64
C CYS A 241 -2.43 -14.56 -11.56
N GLU A 242 -3.02 -14.76 -10.39
CA GLU A 242 -2.42 -15.57 -9.34
C GLU A 242 -2.95 -17.01 -9.33
N ASN A 243 -3.91 -17.32 -10.21
CA ASN A 243 -4.39 -18.68 -10.38
C ASN A 243 -4.85 -18.85 -11.82
N LYS A 244 -5.09 -20.11 -12.21
CA LYS A 244 -5.44 -20.41 -13.60
C LYS A 244 -6.79 -19.82 -13.97
N GLU A 245 -7.75 -19.79 -13.04
CA GLU A 245 -9.07 -19.24 -13.33
C GLU A 245 -9.03 -17.76 -13.61
N GLU A 246 -8.01 -17.05 -13.14
CA GLU A 246 -7.96 -15.60 -13.28
C GLU A 246 -6.72 -15.14 -14.05
N LYS A 247 -6.27 -15.93 -15.01
CA LYS A 247 -5.21 -15.46 -15.91
C LYS A 247 -5.83 -14.51 -16.92
N CYS A 248 -5.39 -13.26 -16.87
CA CYS A 248 -5.81 -12.24 -17.83
C CYS A 248 -4.68 -11.96 -18.81
N CYS A 249 -4.95 -11.12 -19.80
CA CYS A 249 -3.99 -10.84 -20.86
C CYS A 249 -3.67 -9.36 -20.98
N ARG A 250 -3.86 -8.62 -19.89
CA ARG A 250 -3.54 -7.19 -19.89
C ARG A 250 -2.07 -6.96 -20.21
N LYS A 251 -1.19 -7.60 -19.43
CA LYS A 251 0.25 -7.41 -19.63
C LYS A 251 0.68 -7.84 -21.02
N ASP A 252 0.18 -8.98 -21.50
CA ASP A 252 0.56 -9.45 -22.83
C ASP A 252 0.16 -8.48 -23.92
N CYS A 253 -0.97 -7.78 -23.75
CA CYS A 253 -1.42 -6.85 -24.79
C CYS A 253 -0.51 -5.63 -24.88
N LEU A 254 -0.05 -5.12 -23.74
CA LEU A 254 0.80 -3.94 -23.76
C LEU A 254 2.17 -4.26 -24.34
N LYS A 255 2.75 -5.40 -23.95
CA LYS A 255 4.01 -5.83 -24.53
C LYS A 255 3.90 -5.97 -26.05
N LEU A 256 2.81 -6.57 -26.53
CA LEU A 256 2.61 -6.68 -27.96
C LEU A 256 2.44 -5.32 -28.60
N MET A 257 1.81 -4.37 -27.89
CA MET A 257 1.67 -3.01 -28.41
C MET A 257 3.01 -2.31 -28.48
N LYS A 258 3.82 -2.39 -27.41
CA LYS A 258 5.15 -1.82 -27.45
C LYS A 258 6.00 -2.48 -28.54
N TYR A 259 5.92 -3.80 -28.65
CA TYR A 259 6.77 -4.51 -29.61
C TYR A 259 6.44 -4.12 -31.04
N LEU A 260 5.16 -3.88 -31.34
CA LEU A 260 4.80 -3.51 -32.71
C LEU A 260 5.27 -2.10 -33.05
N LEU A 261 5.15 -1.17 -32.11
CA LEU A 261 5.66 0.16 -32.36
C LEU A 261 7.17 0.15 -32.55
N GLU A 262 7.88 -0.58 -31.69
CA GLU A 262 9.34 -0.62 -31.77
C GLU A 262 9.79 -1.25 -33.08
N GLN A 263 9.12 -2.33 -33.51
CA GLN A 263 9.46 -2.94 -34.79
C GLN A 263 9.18 -1.98 -35.95
N LEU A 264 8.05 -1.27 -35.90
CA LEU A 264 7.73 -0.33 -36.97
C LEU A 264 8.70 0.85 -36.98
N LYS A 265 9.16 1.28 -35.81
CA LYS A 265 10.11 2.38 -35.75
C LYS A 265 11.47 1.99 -36.32
N GLU A 266 11.83 0.71 -36.23
CA GLU A 266 13.13 0.28 -36.75
C GLU A 266 13.08 0.01 -38.25
N ARG A 267 11.96 -0.50 -38.76
CA ARG A 267 11.84 -0.69 -40.20
C ARG A 267 11.80 0.63 -40.95
N PHE A 268 11.41 1.72 -40.30
CA PHE A 268 11.30 3.03 -40.92
C PHE A 268 12.18 4.06 -40.23
N LYS A 269 13.29 3.62 -39.63
CA LYS A 269 14.15 4.51 -38.86
C LYS A 269 14.78 5.59 -39.74
N ASP A 270 15.16 5.23 -40.96
CA ASP A 270 15.80 6.18 -41.88
C ASP A 270 14.79 7.04 -42.62
N LYS A 271 13.50 6.96 -42.28
CA LYS A 271 12.50 7.88 -42.79
C LYS A 271 12.03 8.87 -41.74
N LYS A 272 12.27 8.59 -40.46
CA LYS A 272 12.09 9.49 -39.32
C LYS A 272 10.64 9.86 -39.02
N HIS A 273 9.67 9.37 -39.80
CA HIS A 273 8.27 9.72 -39.54
C HIS A 273 7.82 9.27 -38.15
N LEU A 274 8.28 8.10 -37.72
CA LEU A 274 7.85 7.49 -36.47
C LEU A 274 8.73 7.86 -35.30
N ASP A 275 9.68 8.79 -35.47
CA ASP A 275 10.64 9.08 -34.42
C ASP A 275 9.97 9.71 -33.19
N LYS A 276 8.93 10.52 -33.40
CA LYS A 276 8.30 11.22 -32.29
C LYS A 276 7.42 10.31 -31.44
N PHE A 277 7.02 9.15 -31.97
CA PHE A 277 6.22 8.19 -31.21
C PHE A 277 7.12 7.38 -30.28
N SER A 278 6.63 7.11 -29.08
CA SER A 278 7.39 6.33 -28.11
C SER A 278 6.47 5.34 -27.41
N SER A 279 7.09 4.43 -26.64
CA SER A 279 6.33 3.46 -25.88
C SER A 279 5.41 4.11 -24.87
N TYR A 280 5.68 5.37 -24.49
CA TYR A 280 4.79 6.06 -23.56
C TYR A 280 3.42 6.31 -24.17
N HIS A 281 3.36 6.64 -25.47
CA HIS A 281 2.07 6.80 -26.13
C HIS A 281 1.30 5.49 -26.13
N VAL A 282 1.99 4.39 -26.44
CA VAL A 282 1.37 3.08 -26.39
C VAL A 282 0.93 2.74 -24.97
N LYS A 283 1.77 3.07 -23.99
CA LYS A 283 1.43 2.78 -22.60
C LYS A 283 0.22 3.58 -22.14
N THR A 284 0.14 4.85 -22.55
CA THR A 284 -1.00 5.69 -22.17
C THR A 284 -2.30 5.16 -22.78
N ALA A 285 -2.29 4.89 -24.09
CA ALA A 285 -3.48 4.35 -24.74
C ALA A 285 -3.94 3.06 -24.07
N PHE A 286 -2.99 2.25 -23.60
CA PHE A 286 -3.34 1.00 -22.92
C PHE A 286 -4.04 1.27 -21.60
N PHE A 287 -3.58 2.28 -20.85
CA PHE A 287 -4.25 2.63 -19.60
C PHE A 287 -5.67 3.09 -19.87
N HIS A 288 -5.88 3.83 -20.97
CA HIS A 288 -7.22 4.23 -21.32
C HIS A 288 -8.08 3.03 -21.69
N VAL A 289 -7.49 2.05 -22.39
CA VAL A 289 -8.25 0.85 -22.73
C VAL A 289 -8.60 0.07 -21.47
N CYS A 290 -7.72 0.08 -20.47
CA CYS A 290 -8.06 -0.57 -19.20
C CYS A 290 -9.22 0.13 -18.52
N THR A 291 -9.29 1.46 -18.61
CA THR A 291 -10.41 2.19 -18.03
C THR A 291 -11.72 1.83 -18.73
N GLN A 292 -11.69 1.74 -20.07
CA GLN A 292 -12.90 1.44 -20.83
C GLN A 292 -13.41 0.03 -20.56
N ASN A 293 -12.52 -0.94 -20.33
CA ASN A 293 -12.88 -2.33 -20.10
C ASN A 293 -12.34 -2.73 -18.73
N PRO A 294 -13.03 -2.35 -17.66
CA PRO A 294 -12.45 -2.53 -16.31
C PRO A 294 -12.62 -3.93 -15.72
N GLN A 295 -13.40 -4.82 -16.33
CA GLN A 295 -13.68 -6.12 -15.75
C GLN A 295 -12.64 -7.15 -16.20
N ASP A 296 -12.14 -7.95 -15.24
CA ASP A 296 -11.15 -8.96 -15.54
C ASP A 296 -11.61 -9.91 -16.63
N SER A 297 -12.92 -10.23 -16.66
CA SER A 297 -13.43 -11.18 -17.64
C SER A 297 -13.37 -10.63 -19.06
N GLN A 298 -13.23 -9.33 -19.23
CA GLN A 298 -13.00 -8.75 -20.56
C GLN A 298 -11.56 -8.92 -21.03
N TRP A 299 -10.69 -9.55 -20.24
CA TRP A 299 -9.29 -9.72 -20.60
C TRP A 299 -8.87 -11.18 -20.50
N ASP A 300 -9.84 -12.08 -20.64
CA ASP A 300 -9.58 -13.52 -20.52
C ASP A 300 -8.47 -13.94 -21.48
N ARG A 301 -7.52 -14.73 -20.97
CA ARG A 301 -6.38 -15.14 -21.78
C ARG A 301 -6.80 -15.89 -23.03
N LYS A 302 -7.92 -16.60 -22.98
CA LYS A 302 -8.46 -17.25 -24.16
C LYS A 302 -8.74 -16.27 -25.29
N ASP A 303 -8.93 -14.99 -24.96
CA ASP A 303 -9.30 -13.97 -25.93
C ASP A 303 -8.15 -13.03 -26.25
N LEU A 304 -6.91 -13.54 -26.20
CA LEU A 304 -5.74 -12.67 -26.44
C LEU A 304 -5.84 -11.98 -27.80
N GLY A 305 -6.19 -12.73 -28.84
CA GLY A 305 -6.31 -12.19 -30.17
C GLY A 305 -7.23 -10.98 -30.28
N LEU A 306 -8.48 -11.12 -29.83
CA LEU A 306 -9.40 -9.99 -29.94
C LEU A 306 -9.07 -8.90 -28.93
N CYS A 307 -8.50 -9.26 -27.77
CA CYS A 307 -8.11 -8.25 -26.82
C CYS A 307 -7.01 -7.37 -27.38
N PHE A 308 -6.01 -7.98 -28.02
CA PHE A 308 -4.96 -7.18 -28.66
C PHE A 308 -5.51 -6.40 -29.84
N ASP A 309 -6.37 -7.02 -30.66
CA ASP A 309 -6.95 -6.31 -31.79
C ASP A 309 -7.69 -5.07 -31.32
N ASN A 310 -8.48 -5.20 -30.25
CA ASN A 310 -9.16 -4.04 -29.68
C ASN A 310 -8.16 -3.01 -29.15
N CYS A 311 -7.03 -3.47 -28.62
CA CYS A 311 -6.01 -2.53 -28.17
C CYS A 311 -5.40 -1.75 -29.33
N VAL A 312 -5.15 -2.44 -30.45
CA VAL A 312 -4.63 -1.77 -31.64
C VAL A 312 -5.68 -0.79 -32.17
N THR A 313 -6.94 -1.20 -32.17
CA THR A 313 -8.00 -0.39 -32.75
C THR A 313 -8.19 0.92 -31.99
N TYR A 314 -8.02 0.89 -30.66
CA TYR A 314 -8.14 2.12 -29.88
C TYR A 314 -6.98 3.07 -30.18
N PHE A 315 -5.75 2.52 -30.19
CA PHE A 315 -4.59 3.34 -30.54
C PHE A 315 -4.80 4.01 -31.90
N LEU A 316 -5.30 3.24 -32.88
CA LEU A 316 -5.63 3.82 -34.18
C LEU A 316 -6.64 4.94 -34.05
N GLN A 317 -7.61 4.79 -33.15
CA GLN A 317 -8.60 5.85 -33.00
C GLN A 317 -7.97 7.10 -32.42
N CYS A 318 -7.00 6.93 -31.51
CA CYS A 318 -6.26 8.07 -30.99
C CYS A 318 -5.45 8.75 -32.09
N LEU A 319 -4.91 7.96 -33.02
CA LEU A 319 -4.15 8.55 -34.12
C LEU A 319 -5.05 9.36 -35.04
N ARG A 320 -6.15 8.76 -35.48
CA ARG A 320 -7.01 9.42 -36.47
C ARG A 320 -7.63 10.69 -35.89
N THR A 321 -8.13 10.63 -34.65
CA THR A 321 -8.76 11.77 -34.02
C THR A 321 -7.77 12.71 -33.35
N GLU A 322 -6.49 12.34 -33.30
CA GLU A 322 -5.43 13.19 -32.73
C GLU A 322 -5.71 13.53 -31.27
N LYS A 323 -6.15 12.54 -30.51
CA LYS A 323 -6.47 12.73 -29.09
C LYS A 323 -5.90 11.57 -28.29
N LEU A 324 -4.99 11.89 -27.36
CA LEU A 324 -4.40 10.90 -26.47
C LEU A 324 -4.06 11.63 -25.18
N GLU A 325 -5.03 11.69 -24.27
CA GLU A 325 -4.83 12.41 -23.02
C GLU A 325 -3.78 11.71 -22.16
N ASN A 326 -2.87 12.51 -21.61
CA ASN A 326 -2.04 12.04 -20.52
C ASN A 326 -2.92 11.42 -19.44
N TYR A 327 -2.61 10.17 -19.07
CA TYR A 327 -3.47 9.42 -18.15
C TYR A 327 -3.59 10.09 -16.80
N PHE A 328 -2.64 10.94 -16.43
CA PHE A 328 -2.69 11.66 -15.15
C PHE A 328 -3.06 13.12 -15.32
N ILE A 329 -2.85 13.69 -16.50
CA ILE A 329 -3.10 15.11 -16.77
C ILE A 329 -4.02 15.20 -17.98
N PRO A 330 -5.34 15.09 -17.78
CA PRO A 330 -6.24 14.89 -18.93
C PRO A 330 -6.22 16.02 -19.96
N GLU A 331 -5.97 17.25 -19.54
CA GLU A 331 -5.93 18.38 -20.48
C GLU A 331 -4.64 18.44 -21.28
N PHE A 332 -3.72 17.50 -21.07
CA PHE A 332 -2.45 17.43 -21.80
C PHE A 332 -2.59 16.37 -22.89
N ASN A 333 -2.70 16.82 -24.14
CA ASN A 333 -2.94 15.93 -25.27
C ASN A 333 -1.60 15.52 -25.88
N LEU A 334 -1.20 14.27 -25.65
CA LEU A 334 0.06 13.77 -26.19
C LEU A 334 0.09 13.82 -27.71
N PHE A 335 -1.07 13.75 -28.35
CA PHE A 335 -1.17 13.68 -29.80
C PHE A 335 -1.58 15.00 -30.43
N SER A 336 -1.38 16.12 -29.75
CA SER A 336 -1.79 17.41 -30.30
C SER A 336 -0.96 17.79 -31.51
N SER A 337 -1.55 18.60 -32.39
CA SER A 337 -0.87 19.05 -33.60
C SER A 337 0.45 19.73 -33.27
N ASN A 338 0.53 20.42 -32.14
CA ASN A 338 1.75 21.10 -31.75
C ASN A 338 2.87 20.15 -31.34
N LEU A 339 2.57 18.86 -31.14
CA LEU A 339 3.58 17.87 -30.75
C LEU A 339 3.90 16.86 -31.85
N ILE A 340 2.90 16.41 -32.60
CA ILE A 340 3.10 15.43 -33.66
C ILE A 340 2.31 15.87 -34.88
N ASP A 341 2.97 15.97 -36.03
CA ASP A 341 2.29 16.39 -37.25
C ASP A 341 1.33 15.31 -37.72
N LYS A 342 0.30 15.74 -38.46
CA LYS A 342 -0.73 14.83 -38.94
C LYS A 342 -0.14 13.78 -39.88
N ARG A 343 0.85 14.17 -40.69
CA ARG A 343 1.45 13.24 -41.64
C ARG A 343 2.12 12.08 -40.91
N SER A 344 2.74 12.35 -39.76
CA SER A 344 3.33 11.26 -38.98
C SER A 344 2.25 10.31 -38.46
N LYS A 345 1.14 10.86 -37.96
CA LYS A 345 0.04 10.04 -37.48
C LYS A 345 -0.53 9.18 -38.59
N GLU A 346 -0.81 9.79 -39.75
CA GLU A 346 -1.40 9.03 -40.85
C GLU A 346 -0.45 7.98 -41.37
N PHE A 347 0.87 8.21 -41.28
CA PHE A 347 1.82 7.19 -41.69
C PHE A 347 1.76 5.99 -40.75
N LEU A 348 1.87 6.24 -39.44
CA LEU A 348 1.77 5.14 -38.47
C LEU A 348 0.42 4.44 -38.59
N THR A 349 -0.65 5.21 -38.84
CA THR A 349 -1.95 4.61 -39.04
C THR A 349 -1.93 3.62 -40.20
N LYS A 350 -1.47 4.05 -41.37
CA LYS A 350 -1.47 3.17 -42.53
C LYS A 350 -0.62 1.94 -42.28
N GLN A 351 0.57 2.11 -41.70
CA GLN A 351 1.47 0.99 -41.44
C GLN A 351 0.81 -0.02 -40.51
N ILE A 352 0.27 0.45 -39.38
CA ILE A 352 -0.36 -0.44 -38.41
C ILE A 352 -1.55 -1.15 -39.04
N GLU A 353 -2.37 -0.42 -39.80
CA GLU A 353 -3.54 -1.04 -40.42
C GLU A 353 -3.12 -2.10 -41.42
N TYR A 354 -2.04 -1.85 -42.16
CA TYR A 354 -1.50 -2.88 -43.05
C TYR A 354 -1.03 -4.09 -42.26
N GLU A 355 -0.40 -3.88 -41.12
CA GLU A 355 0.08 -4.98 -40.30
C GLU A 355 -1.08 -5.82 -39.79
N ARG A 356 -2.13 -5.16 -39.28
CA ARG A 356 -3.27 -5.88 -38.74
C ARG A 356 -4.01 -6.64 -39.82
N ASN A 357 -4.09 -6.08 -41.03
CA ASN A 357 -4.78 -6.76 -42.12
C ASN A 357 -3.98 -7.94 -42.67
N ASN A 358 -2.73 -8.13 -42.22
CA ASN A 358 -1.89 -9.19 -42.76
C ASN A 358 -1.24 -10.04 -41.68
N GLU A 359 -1.87 -10.11 -40.51
CA GLU A 359 -1.40 -10.95 -39.41
C GLU A 359 0.00 -10.56 -38.97
N PHE A 360 0.29 -9.26 -39.03
CA PHE A 360 1.48 -8.63 -38.45
C PHE A 360 2.77 -9.26 -38.95
N PRO A 361 3.10 -9.14 -40.24
CA PRO A 361 4.38 -9.70 -40.71
C PRO A 361 5.59 -9.07 -40.05
N VAL A 362 5.51 -7.80 -39.64
CA VAL A 362 6.63 -7.13 -39.00
C VAL A 362 7.04 -7.79 -37.70
N PHE A 363 6.21 -8.68 -37.15
CA PHE A 363 6.58 -9.43 -35.96
C PHE A 363 7.69 -10.45 -36.23
N ASP A 364 8.06 -10.66 -37.49
CA ASP A 364 9.21 -11.50 -37.84
C ASP A 364 10.09 -10.80 -38.88
N GLY B 5 -34.74 -14.46 9.87
CA GLY B 5 -34.82 -13.48 10.92
C GLY B 5 -33.76 -12.40 10.83
N ALA B 6 -33.20 -12.26 9.62
CA ALA B 6 -32.08 -11.34 9.41
C ALA B 6 -32.46 -9.88 9.67
N SER B 7 -33.76 -9.57 9.76
CA SER B 7 -34.17 -8.18 9.92
C SER B 7 -33.87 -7.66 11.31
N LYS B 8 -33.99 -8.50 12.34
CA LYS B 8 -33.58 -8.08 13.67
C LYS B 8 -32.10 -7.74 13.70
N LEU B 9 -31.28 -8.48 12.96
CA LEU B 9 -29.87 -8.10 12.82
C LEU B 9 -29.75 -6.69 12.24
N ARG B 10 -30.53 -6.39 11.21
CA ARG B 10 -30.52 -5.06 10.63
C ARG B 10 -30.97 -4.02 11.64
N ALA B 11 -31.92 -4.38 12.51
CA ALA B 11 -32.34 -3.46 13.57
C ALA B 11 -31.18 -3.17 14.51
N VAL B 12 -30.36 -4.18 14.80
CA VAL B 12 -29.18 -3.97 15.64
C VAL B 12 -28.19 -3.03 14.96
N LEU B 13 -27.91 -3.30 13.69
CA LEU B 13 -26.95 -2.48 12.96
C LEU B 13 -27.45 -1.03 12.83
N GLU B 14 -28.76 -0.85 12.68
CA GLU B 14 -29.33 0.50 12.70
C GLU B 14 -29.03 1.20 14.02
N LYS B 15 -29.19 0.48 15.13
CA LYS B 15 -28.91 1.05 16.44
C LYS B 15 -27.43 1.41 16.58
N LEU B 16 -26.54 0.46 16.26
CA LEU B 16 -25.11 0.71 16.39
C LEU B 16 -24.66 1.90 15.55
N LYS B 17 -25.26 2.07 14.38
CA LYS B 17 -24.88 3.18 13.51
C LYS B 17 -25.30 4.53 14.11
N LEU B 18 -26.46 4.57 14.76
CA LEU B 18 -26.96 5.83 15.31
C LEU B 18 -26.06 6.34 16.42
N SER B 19 -25.54 5.44 17.26
CA SER B 19 -24.71 5.86 18.39
C SER B 19 -23.32 6.28 17.96
N ARG B 20 -22.86 5.88 16.77
CA ARG B 20 -21.55 6.31 16.30
C ARG B 20 -21.60 7.78 15.86
N ASP B 21 -22.67 8.20 15.20
CA ASP B 21 -22.79 9.59 14.79
C ASP B 21 -22.79 10.52 15.99
N ASP B 22 -23.61 10.23 16.98
CA ASP B 22 -23.65 11.03 18.22
C ASP B 22 -22.40 10.75 19.05
N SER B 24 -19.14 10.80 17.44
CA SER B 24 -17.94 11.24 16.72
C SER B 24 -17.40 12.53 17.32
N THR B 25 -18.22 13.20 18.12
CA THR B 25 -17.76 14.39 18.84
C THR B 25 -16.76 14.00 19.93
N ALA B 26 -17.09 12.96 20.70
CA ALA B 26 -16.16 12.45 21.71
C ALA B 26 -14.82 12.12 21.09
N ALA B 27 -14.82 11.56 19.88
CA ALA B 27 -13.56 11.28 19.19
C ALA B 27 -12.76 12.54 18.95
N GLY B 28 -13.46 13.67 18.72
CA GLY B 28 -12.74 14.92 18.52
C GLY B 28 -12.09 15.44 19.78
N MET B 29 -12.73 15.21 20.93
CA MET B 29 -12.10 15.57 22.19
C MET B 29 -10.85 14.72 22.45
N VAL B 30 -10.93 13.43 22.10
CA VAL B 30 -9.81 12.52 22.36
C VAL B 30 -8.58 12.93 21.55
N LYS B 31 -8.78 13.20 20.26
CA LYS B 31 -7.66 13.60 19.41
C LYS B 31 -6.96 14.85 19.96
N GLY B 32 -7.72 15.74 20.60
CA GLY B 32 -7.10 16.92 21.18
C GLY B 32 -6.16 16.58 22.31
N VAL B 33 -6.62 15.79 23.27
CA VAL B 33 -5.77 15.39 24.40
C VAL B 33 -4.64 14.50 23.92
N VAL B 34 -4.92 13.62 22.94
CA VAL B 34 -3.89 12.73 22.42
C VAL B 34 -2.76 13.53 21.79
N ASP B 35 -3.10 14.58 21.04
CA ASP B 35 -2.07 15.37 20.36
C ASP B 35 -1.26 16.19 21.36
N HIS B 36 -1.90 16.74 22.38
CA HIS B 36 -1.15 17.43 23.43
C HIS B 36 -0.22 16.46 24.15
N LEU B 37 -0.69 15.24 24.40
CA LEU B 37 0.11 14.25 25.09
C LEU B 37 1.33 13.83 24.26
N LEU B 38 1.14 13.62 22.96
CA LEU B 38 2.26 13.21 22.12
C LEU B 38 3.30 14.31 22.00
N LEU B 39 2.84 15.56 21.93
CA LEU B 39 3.77 16.69 21.89
C LEU B 39 4.72 16.65 23.07
N ARG B 40 4.19 16.41 24.26
CA ARG B 40 5.02 16.44 25.46
C ARG B 40 5.94 15.23 25.56
N LEU B 41 5.55 14.09 24.99
CA LEU B 41 6.41 12.92 25.03
C LEU B 41 7.56 13.02 24.03
N LYS B 42 7.33 13.66 22.89
CA LYS B 42 8.40 13.87 21.92
C LYS B 42 9.48 14.82 22.43
N CYS B 43 9.18 15.59 23.48
CA CYS B 43 10.18 16.45 24.09
C CYS B 43 11.20 15.64 24.89
N ASP B 44 10.81 14.47 25.38
CA ASP B 44 11.73 13.61 26.10
C ASP B 44 12.65 12.89 25.13
N SER B 45 13.93 12.80 25.49
CA SER B 45 14.91 12.15 24.63
C SER B 45 14.56 10.70 24.36
N ALA B 46 13.94 10.02 25.32
CA ALA B 46 13.64 8.61 25.18
C ALA B 46 12.40 8.33 24.33
N PHE B 47 11.51 9.32 24.18
CA PHE B 47 10.27 9.13 23.44
C PHE B 47 10.16 10.07 22.25
N ARG B 48 11.30 10.42 21.64
CA ARG B 48 11.29 11.37 20.53
C ARG B 48 10.60 10.78 19.30
N GLY B 49 10.70 9.48 19.09
CA GLY B 49 10.08 8.85 17.94
C GLY B 49 8.62 8.50 18.14
N VAL B 50 7.99 9.11 19.14
CA VAL B 50 6.61 8.78 19.48
C VAL B 50 5.67 9.22 18.37
N GLY B 51 4.60 8.46 18.20
CA GLY B 51 3.58 8.75 17.22
C GLY B 51 2.39 7.83 17.38
N LEU B 52 1.40 8.02 16.53
CA LEU B 52 0.23 7.16 16.49
C LEU B 52 0.34 6.14 15.38
N LEU B 53 -0.17 4.93 15.65
CA LEU B 53 -0.23 3.91 14.61
C LEU B 53 -1.32 4.25 13.60
N ASN B 54 -2.55 4.39 14.07
CA ASN B 54 -3.69 4.66 13.20
C ASN B 54 -4.52 5.83 13.73
N TYR B 59 -9.19 6.61 16.30
CA TYR B 59 -10.28 5.96 17.01
C TYR B 59 -10.19 4.44 16.89
N GLU B 60 -10.45 3.75 18.00
CA GLU B 60 -10.55 2.30 18.01
C GLU B 60 -11.44 1.91 19.18
N HIS B 61 -12.42 1.05 18.91
CA HIS B 61 -13.42 0.65 19.91
C HIS B 61 -13.31 -0.85 20.15
N VAL B 62 -12.53 -1.23 21.17
CA VAL B 62 -12.45 -2.63 21.55
C VAL B 62 -13.82 -3.15 21.98
N LYS B 63 -14.68 -2.27 22.50
CA LYS B 63 -16.05 -2.61 22.87
C LYS B 63 -16.98 -1.81 21.98
N ILE B 64 -17.63 -2.49 21.03
CA ILE B 64 -18.44 -1.79 20.05
C ILE B 64 -19.66 -1.13 20.69
N SER B 65 -20.13 -1.64 21.83
CA SER B 65 -21.32 -1.13 22.49
C SER B 65 -21.03 -0.02 23.49
N ALA B 66 -19.78 0.43 23.59
CA ALA B 66 -19.41 1.54 24.46
C ALA B 66 -18.65 2.56 23.62
N PRO B 67 -19.37 3.37 22.84
CA PRO B 67 -18.68 4.37 22.00
C PRO B 67 -17.87 5.38 22.81
N ASN B 68 -18.17 5.55 24.10
CA ASN B 68 -17.42 6.48 24.93
C ASN B 68 -16.02 5.96 25.28
N GLU B 69 -15.76 4.68 25.10
CA GLU B 69 -14.48 4.06 25.46
C GLU B 69 -13.61 3.94 24.22
N PHE B 70 -12.46 4.62 24.24
CA PHE B 70 -11.55 4.62 23.11
C PHE B 70 -10.25 3.91 23.48
N ASP B 71 -9.56 3.40 22.46
CA ASP B 71 -8.32 2.67 22.62
C ASP B 71 -7.30 3.22 21.63
N VAL B 72 -6.12 3.57 22.14
CA VAL B 72 -5.11 4.28 21.36
C VAL B 72 -3.78 3.58 21.52
N MET B 73 -2.99 3.56 20.44
CA MET B 73 -1.66 2.96 20.44
C MET B 73 -0.64 4.05 20.12
N PHE B 74 0.24 4.33 21.08
CA PHE B 74 1.38 5.22 20.86
C PHE B 74 2.57 4.37 20.46
N LYS B 75 2.95 4.44 19.18
CA LYS B 75 4.06 3.65 18.68
C LYS B 75 5.37 4.43 18.82
N LEU B 76 6.45 3.68 18.98
CA LEU B 76 7.80 4.24 19.14
C LEU B 76 8.76 3.34 18.41
N GLU B 77 9.48 3.89 17.42
CA GLU B 77 10.34 3.06 16.60
C GLU B 77 11.65 2.75 17.31
N VAL B 78 11.98 1.48 17.39
CA VAL B 78 13.24 1.00 17.96
C VAL B 78 14.03 0.35 16.85
N PRO B 79 15.00 1.06 16.26
CA PRO B 79 15.76 0.49 15.14
C PRO B 79 16.69 -0.62 15.60
N ARG B 80 16.90 -1.59 14.71
CA ARG B 80 17.90 -2.65 14.86
C ARG B 80 17.81 -3.33 16.23
N ILE B 81 16.74 -4.08 16.41
CA ILE B 81 16.58 -4.92 17.59
C ILE B 81 16.69 -6.38 17.18
N GLN B 82 17.09 -7.20 18.13
CA GLN B 82 17.03 -8.65 18.00
C GLN B 82 16.05 -9.15 19.04
N LEU B 83 15.22 -10.11 18.65
CA LEU B 83 14.25 -10.69 19.56
C LEU B 83 14.74 -12.05 20.05
N GLU B 84 14.38 -12.36 21.29
CA GLU B 84 14.59 -13.68 21.86
C GLU B 84 13.26 -14.17 22.40
N GLU B 85 12.82 -15.33 21.93
CA GLU B 85 11.51 -15.85 22.32
C GLU B 85 11.54 -16.33 23.76
N TYR B 86 10.46 -16.04 24.50
CA TYR B 86 10.31 -16.50 25.86
C TYR B 86 9.58 -17.84 25.89
N SER B 87 10.26 -18.88 26.38
CA SER B 87 9.63 -20.15 26.75
C SER B 87 8.80 -20.74 25.60
N ASN B 88 9.23 -20.52 24.37
CA ASN B 88 8.55 -21.06 23.17
C ASN B 88 7.08 -20.68 23.13
N THR B 89 6.77 -19.46 23.57
CA THR B 89 5.39 -19.00 23.57
C THR B 89 4.94 -18.48 22.22
N ARG B 90 5.86 -18.24 21.29
CA ARG B 90 5.60 -17.76 19.93
C ARG B 90 5.16 -16.31 19.88
N ALA B 91 4.64 -15.77 20.98
CA ALA B 91 4.08 -14.42 20.98
C ALA B 91 4.78 -13.43 21.90
N TYR B 92 5.45 -13.89 22.96
CA TYR B 92 6.11 -13.02 23.91
C TYR B 92 7.63 -13.16 23.77
N TYR B 93 8.31 -12.02 23.70
CA TYR B 93 9.75 -12.00 23.49
C TYR B 93 10.39 -11.04 24.47
N PHE B 94 11.68 -11.24 24.70
CA PHE B 94 12.53 -10.19 25.22
C PHE B 94 13.08 -9.40 24.04
N VAL B 95 13.31 -8.10 24.26
CA VAL B 95 13.82 -7.23 23.21
C VAL B 95 15.23 -6.80 23.60
N LYS B 96 16.19 -7.15 22.76
CA LYS B 96 17.57 -6.69 22.89
C LYS B 96 17.93 -5.91 21.65
N PHE B 97 18.98 -5.09 21.76
CA PHE B 97 19.43 -4.24 20.68
C PHE B 97 20.80 -4.68 20.19
N LYS B 98 21.07 -4.41 18.91
CA LYS B 98 22.33 -4.79 18.28
C LYS B 98 23.38 -3.69 18.32
N ARG B 99 23.21 -2.69 19.19
CA ARG B 99 24.13 -1.56 19.23
C ARG B 99 24.04 -0.88 20.59
N ASN B 100 25.01 0.01 20.84
CA ASN B 100 25.05 0.85 22.03
C ASN B 100 26.16 1.88 21.89
N GLU B 103 24.30 5.85 22.64
CA GLU B 103 23.85 5.69 21.25
C GLU B 103 22.37 5.34 21.19
N ASN B 104 21.94 4.41 22.03
CA ASN B 104 20.53 4.05 22.12
C ASN B 104 19.85 4.94 23.14
N PRO B 105 18.81 5.69 22.75
CA PRO B 105 18.14 6.57 23.74
C PRO B 105 17.49 5.79 24.87
N LEU B 106 17.04 4.57 24.61
CA LEU B 106 16.42 3.73 25.62
C LEU B 106 17.42 2.89 26.39
N SER B 107 18.72 3.15 26.23
CA SER B 107 19.71 2.46 27.04
C SER B 107 19.47 2.70 28.52
N GLN B 108 18.87 3.83 28.87
CA GLN B 108 18.50 4.15 30.23
C GLN B 108 17.51 3.16 30.83
N PHE B 109 16.93 2.26 30.04
CA PHE B 109 15.91 1.33 30.53
C PHE B 109 16.35 -0.13 30.43
N LEU B 110 17.64 -0.40 30.21
CA LEU B 110 18.10 -1.77 30.15
C LEU B 110 18.26 -2.35 31.56
N GLU B 111 17.88 -3.61 31.71
CA GLU B 111 18.23 -4.43 32.87
C GLU B 111 19.04 -5.59 32.32
N GLY B 112 20.36 -5.50 32.41
CA GLY B 112 21.20 -6.40 31.65
C GLY B 112 21.17 -5.98 30.20
N GLU B 113 20.97 -6.94 29.30
CA GLU B 113 20.91 -6.66 27.87
C GLU B 113 19.48 -6.60 27.34
N ILE B 114 18.47 -6.71 28.20
CA ILE B 114 17.07 -6.69 27.79
C ILE B 114 16.47 -5.33 28.13
N LEU B 115 15.54 -4.90 27.27
CA LEU B 115 14.83 -3.65 27.51
C LEU B 115 13.75 -3.89 28.57
N SER B 116 13.77 -3.11 29.63
CA SER B 116 12.86 -3.33 30.75
C SER B 116 11.48 -2.80 30.38
N ALA B 117 10.53 -3.71 30.23
CA ALA B 117 9.14 -3.31 30.01
C ALA B 117 8.63 -2.44 31.15
N SER B 118 8.97 -2.80 32.39
CA SER B 118 8.45 -2.07 33.54
C SER B 118 9.14 -0.72 33.71
N LYS B 119 10.41 -0.60 33.33
CA LYS B 119 11.12 0.66 33.50
C LYS B 119 10.67 1.71 32.50
N MET B 120 10.48 1.32 31.23
CA MET B 120 9.92 2.26 30.27
C MET B 120 8.45 2.55 30.58
N LEU B 121 7.72 1.52 31.02
CA LEU B 121 6.31 1.73 31.39
C LEU B 121 6.20 2.72 32.56
N SER B 122 7.14 2.67 33.50
CA SER B 122 7.10 3.60 34.62
C SER B 122 7.34 5.03 34.17
N LYS B 123 8.34 5.24 33.30
CA LYS B 123 8.58 6.58 32.78
C LYS B 123 7.48 7.00 31.81
N PHE B 124 7.01 6.07 30.98
CA PHE B 124 5.89 6.37 30.10
C PHE B 124 4.67 6.80 30.90
N ARG B 125 4.37 6.09 31.98
CA ARG B 125 3.23 6.45 32.82
C ARG B 125 3.48 7.76 33.56
N LYS B 126 4.73 8.03 33.95
CA LYS B 126 5.03 9.24 34.70
C LYS B 126 4.88 10.49 33.85
N ILE B 127 5.33 10.44 32.60
CA ILE B 127 5.18 11.59 31.72
C ILE B 127 3.71 11.84 31.40
N ILE B 128 2.90 10.78 31.32
CA ILE B 128 1.48 10.95 31.02
C ILE B 128 0.77 11.66 32.16
N LYS B 129 0.92 11.14 33.39
CA LYS B 129 0.25 11.75 34.53
C LYS B 129 0.75 13.16 34.79
N GLU B 130 2.01 13.44 34.45
CA GLU B 130 2.57 14.77 34.69
C GLU B 130 1.95 15.80 33.75
N GLU B 131 1.89 15.49 32.46
CA GLU B 131 1.40 16.46 31.47
C GLU B 131 -0.10 16.65 31.51
N ILE B 132 -0.86 15.60 31.84
CA ILE B 132 -2.32 15.69 31.85
C ILE B 132 -2.79 16.65 32.93
N ASN B 133 -2.01 16.79 34.01
CA ASN B 133 -2.39 17.67 35.10
C ASN B 133 -2.43 19.13 34.69
N ASP B 134 -1.98 19.47 33.50
CA ASP B 134 -2.03 20.84 32.97
C ASP B 134 -3.19 21.04 32.01
N ILE B 135 -4.35 20.46 32.29
CA ILE B 135 -5.45 20.54 31.35
C ILE B 135 -6.79 20.55 32.08
N ASP B 139 -10.19 19.35 31.75
CA ASP B 139 -9.67 18.59 32.88
C ASP B 139 -9.89 17.09 32.68
N VAL B 140 -8.81 16.32 32.86
CA VAL B 140 -8.86 14.87 32.74
C VAL B 140 -7.85 14.28 33.70
N ILE B 141 -8.18 13.11 34.23
CA ILE B 141 -7.31 12.39 35.15
C ILE B 141 -6.69 11.20 34.43
N MET B 142 -5.75 10.54 35.10
CA MET B 142 -5.06 9.38 34.56
C MET B 142 -5.24 8.22 35.53
N LYS B 143 -5.77 7.12 35.03
CA LYS B 143 -6.01 5.92 35.83
C LYS B 143 -4.97 4.86 35.52
N ARG B 144 -4.74 3.98 36.49
CA ARG B 144 -3.86 2.84 36.33
C ARG B 144 -4.61 1.67 35.71
N LYS B 145 -3.89 0.86 34.94
CA LYS B 145 -4.47 -0.35 34.38
C LYS B 145 -3.75 -1.58 34.93
N GLY B 148 1.06 -4.67 31.93
CA GLY B 148 0.19 -3.52 31.75
C GLY B 148 -0.02 -3.18 30.29
N SER B 149 -0.92 -3.91 29.62
CA SER B 149 -1.09 -3.78 28.17
C SER B 149 -1.49 -2.35 27.80
N PRO B 150 -2.65 -1.82 28.21
CA PRO B 150 -2.76 -0.35 28.20
C PRO B 150 -2.09 0.18 29.45
N ALA B 151 -1.12 1.07 29.27
CA ALA B 151 -0.40 1.59 30.42
C ALA B 151 -1.29 2.43 31.30
N VAL B 152 -2.10 3.31 30.70
CA VAL B 152 -2.91 4.26 31.44
C VAL B 152 -4.34 4.22 30.90
N THR B 153 -5.25 4.81 31.67
CA THR B 153 -6.62 5.04 31.26
C THR B 153 -6.91 6.52 31.52
N LEU B 154 -7.13 7.27 30.44
CA LEU B 154 -7.50 8.68 30.56
C LEU B 154 -9.00 8.78 30.68
N LEU B 155 -9.46 9.46 31.74
CA LEU B 155 -10.87 9.78 31.91
C LEU B 155 -11.06 11.24 31.51
N ILE B 156 -11.66 11.47 30.35
CA ILE B 156 -11.81 12.80 29.79
C ILE B 156 -13.22 13.30 30.06
N SER B 157 -13.31 14.38 30.84
CA SER B 157 -14.57 15.09 31.09
C SER B 157 -15.56 14.10 31.69
N GLU B 158 -16.81 14.04 31.20
CA GLU B 158 -17.87 13.33 31.90
C GLU B 158 -17.65 11.82 31.85
N LYS B 159 -17.62 11.24 30.64
CA LYS B 159 -17.63 9.79 30.54
C LYS B 159 -16.75 9.22 29.43
N ILE B 160 -15.81 9.99 28.89
CA ILE B 160 -14.93 9.50 27.85
C ILE B 160 -13.70 8.84 28.49
N SER B 161 -13.45 7.59 28.14
CA SER B 161 -12.29 6.85 28.61
C SER B 161 -11.36 6.56 27.44
N VAL B 162 -10.06 6.71 27.67
CA VAL B 162 -9.04 6.43 26.66
C VAL B 162 -8.03 5.49 27.26
N ASP B 163 -7.94 4.28 26.70
CA ASP B 163 -6.90 3.33 27.09
C ASP B 163 -5.70 3.52 26.17
N ILE B 164 -4.54 3.78 26.77
CA ILE B 164 -3.32 4.08 26.02
C ILE B 164 -2.36 2.93 26.16
N THR B 165 -1.98 2.35 25.02
CA THR B 165 -0.96 1.32 24.94
C THR B 165 0.26 1.89 24.23
N LEU B 166 1.44 1.60 24.74
CA LEU B 166 2.67 1.90 24.00
C LEU B 166 3.17 0.63 23.34
N ALA B 167 3.72 0.78 22.14
CA ALA B 167 4.26 -0.35 21.40
C ALA B 167 5.56 0.05 20.73
N LEU B 168 6.51 -0.88 20.68
CA LEU B 168 7.74 -0.68 19.93
C LEU B 168 7.51 -1.04 18.48
N GLU B 169 8.04 -0.22 17.58
CA GLU B 169 7.93 -0.45 16.15
C GLU B 169 9.26 -1.00 15.63
N SER B 170 9.21 -2.17 15.00
CA SER B 170 10.39 -2.76 14.37
C SER B 170 10.11 -2.95 12.89
N LYS B 171 11.01 -2.44 12.06
CA LYS B 171 10.91 -2.57 10.61
C LYS B 171 11.68 -3.76 10.08
N SER B 172 12.10 -4.67 10.94
CA SER B 172 12.77 -5.89 10.48
C SER B 172 11.74 -6.89 9.96
N SER B 173 12.24 -7.98 9.41
CA SER B 173 11.35 -9.06 9.00
C SER B 173 10.57 -9.57 10.20
N TRP B 174 9.36 -10.04 9.93
CA TRP B 174 8.49 -10.49 11.01
C TRP B 174 9.10 -11.71 11.69
N PRO B 175 8.85 -11.90 12.99
CA PRO B 175 9.38 -13.07 13.68
C PRO B 175 8.95 -14.37 13.00
N ALA B 176 9.81 -15.39 13.13
CA ALA B 176 9.57 -16.66 12.47
C ALA B 176 8.24 -17.29 12.89
N SER B 177 7.75 -16.97 14.09
CA SER B 177 6.49 -17.55 14.55
C SER B 177 5.32 -17.17 13.65
N THR B 178 5.43 -16.09 12.88
CA THR B 178 4.38 -15.64 11.99
C THR B 178 4.53 -16.17 10.58
N GLN B 179 5.49 -17.08 10.34
CA GLN B 179 5.86 -17.44 8.97
C GLN B 179 4.69 -18.02 8.18
N GLU B 180 3.81 -18.77 8.84
CA GLU B 180 2.68 -19.40 8.16
C GLU B 180 1.34 -18.85 8.65
N GLY B 181 1.33 -17.64 9.20
CA GLY B 181 0.11 -16.95 9.52
C GLY B 181 -0.32 -16.05 8.37
N LEU B 182 -1.34 -15.23 8.65
CA LEU B 182 -1.87 -14.29 7.67
C LEU B 182 -2.14 -14.98 6.34
N ARG B 183 -2.86 -16.11 6.42
CA ARG B 183 -3.16 -16.92 5.24
C ARG B 183 -4.33 -16.28 4.49
N ILE B 184 -3.99 -15.21 3.76
CA ILE B 184 -4.95 -14.45 2.97
C ILE B 184 -4.73 -14.65 1.48
N GLN B 185 -3.88 -15.60 1.10
CA GLN B 185 -3.46 -15.73 -0.30
C GLN B 185 -4.64 -15.96 -1.23
N ASN B 186 -5.55 -16.86 -0.84
CA ASN B 186 -6.71 -17.16 -1.70
C ASN B 186 -7.82 -16.13 -1.57
N TRP B 187 -7.67 -15.17 -0.66
CA TRP B 187 -8.73 -14.19 -0.40
C TRP B 187 -8.26 -12.80 -0.82
N LEU B 188 -7.26 -12.23 -0.15
CA LEU B 188 -6.78 -10.91 -0.48
C LEU B 188 -5.57 -10.92 -1.42
N SER B 189 -4.97 -12.09 -1.65
CA SER B 189 -3.95 -12.41 -2.66
C SER B 189 -2.54 -12.54 -2.06
N ALA B 190 -1.68 -13.26 -2.78
CA ALA B 190 -0.31 -13.47 -2.31
C ALA B 190 0.49 -12.19 -2.32
N LYS B 191 0.23 -11.27 -3.25
CA LYS B 191 1.01 -10.05 -3.28
C LYS B 191 0.58 -9.08 -2.18
N VAL B 192 -0.71 -9.11 -1.80
CA VAL B 192 -1.10 -8.31 -0.65
C VAL B 192 -0.43 -8.83 0.62
N ARG B 193 -0.37 -10.15 0.77
CA ARG B 193 0.32 -10.74 1.92
C ARG B 193 1.79 -10.36 1.94
N LYS B 194 2.45 -10.41 0.78
CA LYS B 194 3.84 -9.99 0.71
C LYS B 194 3.97 -8.53 1.11
N GLN B 195 3.10 -7.67 0.60
CA GLN B 195 3.17 -6.24 0.90
C GLN B 195 2.97 -5.99 2.39
N LEU B 196 1.95 -6.61 2.99
CA LEU B 196 1.66 -6.37 4.40
C LEU B 196 2.80 -6.86 5.30
N ARG B 197 3.49 -7.93 4.90
CA ARG B 197 4.59 -8.46 5.71
C ARG B 197 5.86 -7.63 5.57
N LEU B 198 5.93 -6.73 4.59
CA LEU B 198 7.03 -5.78 4.52
C LEU B 198 6.81 -4.58 5.44
N LYS B 199 5.58 -4.38 5.91
CA LYS B 199 5.30 -3.34 6.89
C LYS B 199 5.90 -3.73 8.24
N PRO B 200 6.04 -2.80 9.17
CA PRO B 200 6.59 -3.13 10.48
C PRO B 200 5.63 -3.97 11.31
N PHE B 201 6.16 -4.55 12.38
CA PHE B 201 5.36 -5.19 13.41
C PHE B 201 5.58 -4.49 14.73
N TYR B 202 4.77 -4.85 15.73
CA TYR B 202 4.72 -4.09 16.96
C TYR B 202 4.82 -5.01 18.17
N LEU B 203 5.34 -4.46 19.26
CA LEU B 203 5.55 -5.18 20.50
C LEU B 203 4.99 -4.33 21.63
N VAL B 204 4.06 -4.89 22.40
CA VAL B 204 3.45 -4.17 23.51
C VAL B 204 3.91 -4.83 24.80
N PRO B 205 4.09 -4.06 25.88
CA PRO B 205 4.47 -4.69 27.15
C PRO B 205 3.33 -5.57 27.68
N LYS B 206 3.64 -6.83 27.95
CA LYS B 206 2.64 -7.78 28.41
C LYS B 206 3.32 -8.89 29.19
N HIS B 207 2.86 -9.12 30.42
CA HIS B 207 3.39 -10.19 31.25
C HIS B 207 2.98 -11.55 30.70
N ALA B 208 3.89 -12.52 30.84
CA ALA B 208 3.63 -13.90 30.44
C ALA B 208 3.71 -14.79 31.67
N LYS B 209 2.67 -15.60 31.89
CA LYS B 209 2.64 -16.50 33.04
C LYS B 209 3.70 -17.59 32.92
N PHE B 214 4.29 -14.86 36.96
CA PHE B 214 4.47 -14.46 35.57
C PHE B 214 5.83 -13.81 35.33
N GLN B 215 6.34 -13.94 34.11
CA GLN B 215 7.57 -13.27 33.70
C GLN B 215 7.28 -11.80 33.43
N GLU B 216 8.11 -10.91 33.97
CA GLU B 216 7.73 -9.52 34.15
C GLU B 216 8.31 -8.56 33.10
N GLU B 217 9.15 -9.03 32.18
CA GLU B 217 9.78 -8.13 31.22
C GLU B 217 9.67 -8.66 29.80
N THR B 218 8.49 -9.16 29.43
CA THR B 218 8.24 -9.66 28.09
C THR B 218 7.45 -8.64 27.26
N TRP B 219 7.51 -8.80 25.94
CA TRP B 219 6.75 -7.98 25.01
C TRP B 219 6.02 -8.89 24.03
N ARG B 220 4.76 -8.57 23.73
CA ARG B 220 3.91 -9.41 22.89
C ARG B 220 3.74 -8.78 21.51
N LEU B 221 3.72 -9.63 20.49
CA LEU B 221 3.58 -9.18 19.12
C LEU B 221 2.20 -8.57 18.88
N SER B 222 2.16 -7.40 18.24
CA SER B 222 0.91 -6.75 17.88
C SER B 222 0.90 -6.49 16.38
N PHE B 223 -0.19 -6.84 15.73
CA PHE B 223 -0.41 -6.57 14.31
C PHE B 223 -1.69 -5.77 14.10
N SER B 224 -2.08 -5.01 15.13
CA SER B 224 -3.32 -4.24 15.10
C SER B 224 -3.45 -3.41 13.84
N HIS B 225 -2.32 -2.91 13.31
CA HIS B 225 -2.36 -2.13 12.08
C HIS B 225 -2.68 -3.00 10.88
N ILE B 226 -2.17 -4.23 10.84
CA ILE B 226 -2.53 -5.13 9.75
C ILE B 226 -4.01 -5.52 9.86
N GLU B 227 -4.50 -5.67 11.10
CA GLU B 227 -5.91 -6.03 11.28
C GLU B 227 -6.84 -4.96 10.72
N LYS B 228 -6.48 -3.69 10.91
CA LYS B 228 -7.31 -2.59 10.40
C LYS B 228 -7.32 -2.55 8.87
N GLU B 229 -6.16 -2.73 8.23
CA GLU B 229 -6.12 -2.68 6.78
C GLU B 229 -6.99 -3.76 6.16
N ILE B 230 -7.00 -4.95 6.77
CA ILE B 230 -7.73 -6.08 6.21
C ILE B 230 -9.24 -5.92 6.40
N LEU B 231 -9.65 -5.26 7.49
CA LEU B 231 -11.09 -5.06 7.69
C LEU B 231 -11.62 -3.95 6.78
N ASN B 232 -10.85 -2.90 6.57
CA ASN B 232 -11.29 -1.77 5.76
C ASN B 232 -10.90 -1.89 4.30
N ASN B 233 -10.29 -3.01 3.90
CA ASN B 233 -9.94 -3.35 2.53
C ASN B 233 -10.08 -4.88 2.46
N HIS B 234 -11.32 -5.34 2.53
CA HIS B 234 -11.64 -6.71 2.92
C HIS B 234 -12.07 -7.62 1.78
N GLY B 235 -12.31 -7.08 0.60
CA GLY B 235 -12.86 -7.89 -0.47
C GLY B 235 -11.80 -8.58 -1.29
N LYS B 236 -12.23 -9.61 -2.02
CA LYS B 236 -11.39 -10.16 -3.09
C LYS B 236 -11.36 -9.20 -4.27
N SER B 237 -12.48 -8.57 -4.59
CA SER B 237 -12.51 -7.50 -5.57
C SER B 237 -12.13 -6.18 -4.91
N LYS B 238 -11.32 -5.40 -5.61
CA LYS B 238 -10.88 -4.11 -5.07
C LYS B 238 -12.04 -3.13 -4.91
N THR B 239 -13.11 -3.29 -5.70
CA THR B 239 -14.27 -2.43 -5.60
C THR B 239 -15.35 -3.01 -4.69
N CYS B 240 -14.99 -3.95 -3.80
CA CYS B 240 -15.94 -4.47 -2.84
C CYS B 240 -16.51 -3.34 -1.99
N CYS B 241 -17.84 -3.32 -1.88
CA CYS B 241 -18.61 -2.35 -1.11
C CYS B 241 -18.51 -0.92 -1.64
N GLU B 242 -17.97 -0.73 -2.84
CA GLU B 242 -17.90 0.59 -3.44
C GLU B 242 -19.06 0.88 -4.38
N ASN B 243 -19.91 -0.11 -4.65
CA ASN B 243 -21.04 0.04 -5.55
C ASN B 243 -22.12 -0.93 -5.10
N LYS B 244 -23.31 -0.81 -5.70
CA LYS B 244 -24.44 -1.62 -5.24
C LYS B 244 -24.30 -3.09 -5.62
N GLU B 245 -23.70 -3.38 -6.77
CA GLU B 245 -23.56 -4.78 -7.18
C GLU B 245 -22.52 -5.54 -6.37
N GLU B 246 -21.68 -4.86 -5.58
CA GLU B 246 -20.64 -5.51 -4.80
C GLU B 246 -20.73 -5.20 -3.31
N LYS B 247 -21.90 -4.81 -2.82
CA LYS B 247 -22.10 -4.65 -1.38
C LYS B 247 -22.02 -6.02 -0.70
N CYS B 248 -21.19 -6.11 0.34
CA CYS B 248 -21.04 -7.33 1.12
C CYS B 248 -21.37 -7.05 2.57
N CYS B 249 -21.38 -8.10 3.39
CA CYS B 249 -21.79 -7.99 4.79
C CYS B 249 -20.68 -8.42 5.75
N ARG B 250 -19.43 -8.43 5.30
CA ARG B 250 -18.31 -8.85 6.13
C ARG B 250 -18.23 -8.02 7.42
N LYS B 251 -18.19 -6.69 7.27
CA LYS B 251 -18.05 -5.82 8.45
C LYS B 251 -19.27 -5.91 9.35
N ASP B 252 -20.47 -5.98 8.77
CA ASP B 252 -21.67 -6.09 9.58
C ASP B 252 -21.67 -7.36 10.41
N CYS B 253 -21.18 -8.47 9.82
CA CYS B 253 -21.11 -9.73 10.55
C CYS B 253 -20.19 -9.62 11.76
N LEU B 254 -19.09 -8.88 11.63
CA LEU B 254 -18.18 -8.72 12.77
C LEU B 254 -18.80 -7.82 13.84
N LYS B 255 -19.42 -6.72 13.42
CA LYS B 255 -20.16 -5.88 14.36
C LYS B 255 -21.15 -6.72 15.17
N LEU B 256 -21.97 -7.51 14.47
CA LEU B 256 -22.98 -8.33 15.16
C LEU B 256 -22.35 -9.35 16.08
N MET B 257 -21.16 -9.86 15.71
CA MET B 257 -20.48 -10.83 16.57
C MET B 257 -19.93 -10.16 17.82
N LYS B 258 -19.28 -9.00 17.67
CA LYS B 258 -18.77 -8.27 18.83
C LYS B 258 -19.92 -7.84 19.72
N TYR B 259 -21.03 -7.41 19.12
CA TYR B 259 -22.16 -6.96 19.90
C TYR B 259 -22.80 -8.10 20.67
N LEU B 260 -22.95 -9.27 20.03
CA LEU B 260 -23.52 -10.43 20.73
C LEU B 260 -22.70 -10.78 21.96
N LEU B 261 -21.37 -10.83 21.82
CA LEU B 261 -20.53 -11.17 22.95
C LEU B 261 -20.61 -10.11 24.04
N GLU B 262 -20.46 -8.83 23.65
CA GLU B 262 -20.48 -7.75 24.64
C GLU B 262 -21.80 -7.74 25.40
N GLN B 263 -22.90 -8.02 24.72
CA GLN B 263 -24.20 -8.11 25.40
C GLN B 263 -24.22 -9.30 26.36
N LEU B 264 -23.80 -10.48 25.88
CA LEU B 264 -23.79 -11.66 26.74
C LEU B 264 -22.83 -11.50 27.91
N LYS B 265 -21.72 -10.78 27.70
CA LYS B 265 -20.81 -10.50 28.80
C LYS B 265 -21.45 -9.59 29.83
N GLU B 266 -22.27 -8.64 29.38
CA GLU B 266 -22.94 -7.74 30.31
C GLU B 266 -24.02 -8.46 31.11
N ARG B 267 -24.82 -9.32 30.44
CA ARG B 267 -25.89 -10.02 31.14
C ARG B 267 -25.33 -10.96 32.21
N PHE B 268 -24.23 -11.64 31.92
CA PHE B 268 -23.59 -12.55 32.86
C PHE B 268 -22.48 -11.88 33.66
N LYS B 269 -22.52 -10.55 33.81
CA LYS B 269 -21.41 -9.88 34.49
C LYS B 269 -21.15 -10.45 35.87
N ASP B 270 -22.15 -11.09 36.49
CA ASP B 270 -22.04 -11.56 37.86
C ASP B 270 -21.43 -12.97 37.99
N LYS B 271 -21.53 -13.80 36.96
CA LYS B 271 -21.07 -15.19 37.07
C LYS B 271 -19.58 -15.35 36.83
N LYS B 272 -18.90 -14.31 36.32
CA LYS B 272 -17.46 -14.35 36.06
C LYS B 272 -17.07 -15.51 35.14
N HIS B 273 -18.02 -16.03 34.37
CA HIS B 273 -17.75 -17.11 33.43
C HIS B 273 -17.20 -16.58 32.11
N LEU B 274 -17.69 -15.42 31.67
CA LEU B 274 -17.35 -14.85 30.37
C LEU B 274 -16.25 -13.80 30.47
N ASP B 275 -15.59 -13.69 31.62
CA ASP B 275 -14.69 -12.57 31.86
C ASP B 275 -13.45 -12.61 30.97
N LYS B 276 -13.01 -13.80 30.56
CA LYS B 276 -11.79 -13.93 29.79
C LYS B 276 -12.02 -13.88 28.27
N PHE B 277 -13.27 -13.81 27.83
CA PHE B 277 -13.56 -13.65 26.41
C PHE B 277 -13.57 -12.18 26.04
N SER B 278 -12.97 -11.85 24.90
CA SER B 278 -12.80 -10.48 24.47
C SER B 278 -13.21 -10.33 23.01
N SER B 279 -13.34 -9.08 22.58
CA SER B 279 -13.61 -8.79 21.17
C SER B 279 -12.50 -9.32 20.27
N TYR B 280 -11.29 -9.47 20.81
CA TYR B 280 -10.21 -10.00 19.99
C TYR B 280 -10.47 -11.44 19.60
N HIS B 281 -11.07 -12.23 20.50
CA HIS B 281 -11.45 -13.59 20.15
C HIS B 281 -12.44 -13.61 19.01
N VAL B 282 -13.47 -12.76 19.10
CA VAL B 282 -14.42 -12.60 18.01
C VAL B 282 -13.70 -12.18 16.74
N LYS B 283 -12.85 -11.16 16.84
CA LYS B 283 -12.12 -10.65 15.68
C LYS B 283 -11.29 -11.75 15.02
N THR B 284 -10.56 -12.51 15.83
CA THR B 284 -9.73 -13.58 15.27
C THR B 284 -10.58 -14.64 14.57
N ALA B 285 -11.64 -15.09 15.23
CA ALA B 285 -12.54 -16.06 14.62
C ALA B 285 -13.11 -15.54 13.31
N PHE B 286 -13.45 -14.25 13.26
CA PHE B 286 -13.96 -13.66 12.03
C PHE B 286 -12.94 -13.75 10.90
N PHE B 287 -11.65 -13.50 11.20
CA PHE B 287 -10.64 -13.55 10.16
C PHE B 287 -10.51 -14.96 9.60
N HIS B 288 -10.59 -15.97 10.48
CA HIS B 288 -10.52 -17.35 10.00
C HIS B 288 -11.70 -17.68 9.09
N VAL B 289 -12.88 -17.14 9.41
CA VAL B 289 -14.05 -17.33 8.56
C VAL B 289 -13.84 -16.67 7.20
N CYS B 290 -13.25 -15.48 7.18
CA CYS B 290 -12.93 -14.82 5.92
C CYS B 290 -11.98 -15.66 5.09
N THR B 291 -11.00 -16.30 5.73
CA THR B 291 -10.13 -17.23 5.01
C THR B 291 -10.93 -18.40 4.46
N GLN B 292 -11.86 -18.94 5.26
CA GLN B 292 -12.65 -20.09 4.84
C GLN B 292 -13.55 -19.76 3.66
N ASN B 293 -13.98 -18.50 3.53
CA ASN B 293 -14.94 -18.09 2.52
C ASN B 293 -14.38 -16.89 1.78
N PRO B 294 -13.40 -17.12 0.89
CA PRO B 294 -12.66 -15.98 0.30
C PRO B 294 -13.44 -15.20 -0.74
N GLN B 295 -14.50 -15.75 -1.31
CA GLN B 295 -15.18 -15.12 -2.44
C GLN B 295 -16.21 -14.11 -1.96
N ASP B 296 -16.25 -12.95 -2.63
CA ASP B 296 -17.21 -11.91 -2.26
C ASP B 296 -18.65 -12.37 -2.40
N SER B 297 -18.93 -13.28 -3.34
CA SER B 297 -20.29 -13.75 -3.55
C SER B 297 -20.81 -14.59 -2.37
N GLN B 298 -19.93 -15.01 -1.46
CA GLN B 298 -20.34 -15.70 -0.24
C GLN B 298 -20.67 -14.74 0.88
N TRP B 299 -20.60 -13.43 0.64
CA TRP B 299 -20.88 -12.43 1.66
C TRP B 299 -21.91 -11.41 1.18
N ASP B 300 -22.71 -11.78 0.17
CA ASP B 300 -23.75 -10.90 -0.34
C ASP B 300 -24.61 -10.37 0.80
N ARG B 301 -25.02 -9.10 0.68
CA ARG B 301 -25.81 -8.47 1.74
C ARG B 301 -27.17 -9.12 1.88
N LYS B 302 -27.72 -9.68 0.80
CA LYS B 302 -29.01 -10.36 0.89
C LYS B 302 -28.96 -11.56 1.82
N ASP B 303 -27.78 -12.09 2.11
CA ASP B 303 -27.61 -13.24 2.98
C ASP B 303 -26.98 -12.87 4.32
N LEU B 304 -27.28 -11.67 4.83
CA LEU B 304 -26.76 -11.28 6.14
C LEU B 304 -27.13 -12.30 7.20
N GLY B 305 -28.38 -12.78 7.18
CA GLY B 305 -28.82 -13.74 8.18
C GLY B 305 -28.02 -15.03 8.16
N LEU B 306 -27.89 -15.63 6.98
CA LEU B 306 -27.11 -16.87 6.87
C LEU B 306 -25.64 -16.62 7.17
N CYS B 307 -25.07 -15.51 6.68
CA CYS B 307 -23.66 -15.25 6.89
C CYS B 307 -23.35 -15.03 8.37
N PHE B 308 -24.25 -14.35 9.09
CA PHE B 308 -24.03 -14.18 10.52
C PHE B 308 -24.16 -15.52 11.25
N ASP B 309 -25.10 -16.35 10.81
CA ASP B 309 -25.23 -17.68 11.41
C ASP B 309 -23.95 -18.48 11.21
N ASN B 310 -23.36 -18.40 10.01
CA ASN B 310 -22.12 -19.11 9.75
C ASN B 310 -21.00 -18.61 10.64
N CYS B 311 -20.94 -17.29 10.85
CA CYS B 311 -19.93 -16.72 11.73
C CYS B 311 -20.13 -17.20 13.17
N VAL B 312 -21.37 -17.17 13.64
CA VAL B 312 -21.66 -17.67 14.99
C VAL B 312 -21.29 -19.13 15.10
N THR B 313 -21.66 -19.92 14.08
CA THR B 313 -21.38 -21.35 14.09
C THR B 313 -19.88 -21.63 14.19
N TYR B 314 -19.06 -20.90 13.44
CA TYR B 314 -17.62 -21.17 13.47
C TYR B 314 -17.03 -20.83 14.84
N PHE B 315 -17.42 -19.70 15.42
CA PHE B 315 -16.96 -19.35 16.75
C PHE B 315 -17.36 -20.42 17.77
N LEU B 316 -18.57 -20.97 17.63
CA LEU B 316 -19.00 -22.05 18.51
C LEU B 316 -18.15 -23.30 18.30
N GLN B 317 -17.79 -23.59 17.04
CA GLN B 317 -16.94 -24.73 16.77
C GLN B 317 -15.57 -24.56 17.41
N CYS B 318 -15.04 -23.33 17.40
CA CYS B 318 -13.79 -23.05 18.10
C CYS B 318 -13.96 -23.25 19.60
N LEU B 319 -15.12 -22.86 20.15
CA LEU B 319 -15.34 -23.00 21.58
C LEU B 319 -15.37 -24.46 22.01
N ARG B 320 -16.04 -25.31 21.21
CA ARG B 320 -16.21 -26.70 21.61
C ARG B 320 -14.91 -27.48 21.50
N THR B 321 -14.13 -27.22 20.44
CA THR B 321 -12.86 -27.89 20.21
C THR B 321 -11.70 -27.24 20.95
N GLU B 322 -11.92 -26.05 21.56
CA GLU B 322 -10.90 -25.34 22.32
C GLU B 322 -9.71 -24.98 21.44
N LYS B 323 -9.99 -24.47 20.24
CA LYS B 323 -8.94 -24.13 19.28
C LYS B 323 -9.31 -22.83 18.55
N LEU B 324 -8.57 -21.77 18.86
CA LEU B 324 -8.66 -20.51 18.14
C LEU B 324 -7.23 -20.03 17.93
N GLU B 325 -6.67 -20.31 16.75
CA GLU B 325 -5.33 -19.86 16.44
C GLU B 325 -5.29 -18.35 16.27
N ASN B 326 -4.25 -17.73 16.82
CA ASN B 326 -3.96 -16.34 16.50
C ASN B 326 -3.74 -16.22 14.99
N TYR B 327 -4.47 -15.29 14.36
CA TYR B 327 -4.50 -15.21 12.90
C TYR B 327 -3.12 -14.99 12.29
N PHE B 328 -2.20 -14.40 13.05
CA PHE B 328 -0.83 -14.16 12.60
C PHE B 328 0.17 -15.16 13.18
N ILE B 329 -0.12 -15.70 14.36
CA ILE B 329 0.77 -16.62 15.06
C ILE B 329 0.07 -17.96 15.15
N PRO B 330 0.15 -18.81 14.10
CA PRO B 330 -0.74 -19.98 14.05
C PRO B 330 -0.54 -20.96 15.19
N GLU B 331 0.65 -21.03 15.80
CA GLU B 331 0.89 -21.96 16.89
C GLU B 331 0.54 -21.37 18.26
N PHE B 332 -0.18 -20.26 18.31
CA PHE B 332 -0.69 -19.71 19.57
C PHE B 332 -2.20 -19.86 19.58
N ASN B 333 -2.68 -20.74 20.46
CA ASN B 333 -4.10 -21.04 20.58
C ASN B 333 -4.72 -20.11 21.62
N LEU B 334 -5.52 -19.14 21.15
CA LEU B 334 -6.18 -18.22 22.07
C LEU B 334 -7.16 -18.94 22.99
N PHE B 335 -7.66 -20.11 22.59
CA PHE B 335 -8.59 -20.89 23.38
C PHE B 335 -7.92 -22.05 24.09
N SER B 336 -6.62 -21.97 24.33
CA SER B 336 -5.93 -23.01 25.09
C SER B 336 -6.56 -23.14 26.48
N SER B 337 -6.59 -24.37 26.98
CA SER B 337 -7.14 -24.61 28.31
C SER B 337 -6.29 -23.99 29.41
N ASN B 338 -5.06 -23.59 29.11
CA ASN B 338 -4.27 -22.81 30.06
C ASN B 338 -4.74 -21.37 30.17
N LEU B 339 -5.54 -20.91 29.21
CA LEU B 339 -6.00 -19.52 29.16
C LEU B 339 -7.46 -19.37 29.55
N ILE B 340 -8.33 -20.28 29.11
CA ILE B 340 -9.76 -20.25 29.41
C ILE B 340 -10.18 -21.67 29.74
N ASP B 341 -10.76 -21.88 30.91
CA ASP B 341 -11.06 -23.26 31.29
C ASP B 341 -12.21 -23.80 30.45
N LYS B 342 -12.33 -25.12 30.44
CA LYS B 342 -13.34 -25.78 29.63
C LYS B 342 -14.75 -25.34 30.02
N ARG B 343 -14.97 -25.10 31.32
CA ARG B 343 -16.29 -24.72 31.79
C ARG B 343 -16.75 -23.40 31.20
N SER B 344 -15.84 -22.41 31.15
CA SER B 344 -16.19 -21.11 30.57
C SER B 344 -16.57 -21.24 29.10
N LYS B 345 -15.83 -22.05 28.35
CA LYS B 345 -16.16 -22.23 26.95
C LYS B 345 -17.53 -22.87 26.79
N GLU B 346 -17.84 -23.89 27.61
CA GLU B 346 -19.12 -24.57 27.50
C GLU B 346 -20.26 -23.68 27.98
N PHE B 347 -20.02 -22.82 28.98
CA PHE B 347 -21.04 -21.87 29.39
C PHE B 347 -21.36 -20.90 28.25
N LEU B 348 -20.33 -20.24 27.71
CA LEU B 348 -20.54 -19.33 26.58
C LEU B 348 -21.16 -20.06 25.40
N THR B 349 -20.75 -21.31 25.18
CA THR B 349 -21.33 -22.10 24.10
C THR B 349 -22.83 -22.24 24.28
N LYS B 350 -23.27 -22.65 25.46
CA LYS B 350 -24.70 -22.87 25.68
C LYS B 350 -25.49 -21.57 25.57
N GLN B 351 -24.91 -20.45 26.04
CA GLN B 351 -25.62 -19.17 25.98
C GLN B 351 -25.83 -18.73 24.53
N ILE B 352 -24.77 -18.78 23.71
CA ILE B 352 -24.90 -18.41 22.31
C ILE B 352 -25.90 -19.32 21.61
N GLU B 353 -25.80 -20.63 21.88
CA GLU B 353 -26.72 -21.59 21.28
C GLU B 353 -28.17 -21.27 21.65
N TYR B 354 -28.39 -20.80 22.88
CA TYR B 354 -29.75 -20.39 23.26
C TYR B 354 -30.17 -19.14 22.51
N GLU B 355 -29.27 -18.17 22.38
CA GLU B 355 -29.58 -16.93 21.66
C GLU B 355 -29.97 -17.22 20.22
N ARG B 356 -29.18 -18.07 19.53
CA ARG B 356 -29.45 -18.35 18.12
C ARG B 356 -30.79 -19.04 17.95
N ASN B 357 -31.13 -19.96 18.85
CA ASN B 357 -32.38 -20.68 18.75
C ASN B 357 -33.60 -19.78 18.98
N ASN B 358 -33.42 -18.62 19.60
CA ASN B 358 -34.53 -17.75 19.96
C ASN B 358 -34.42 -16.38 19.29
N GLU B 359 -33.73 -16.32 18.15
CA GLU B 359 -33.60 -15.10 17.36
C GLU B 359 -32.89 -13.99 18.14
N PHE B 360 -31.92 -14.38 18.96
CA PHE B 360 -31.05 -13.46 19.68
C PHE B 360 -31.81 -12.41 20.48
N PRO B 361 -32.56 -12.82 21.51
CA PRO B 361 -33.28 -11.83 22.32
C PRO B 361 -32.38 -10.88 23.08
N VAL B 362 -31.10 -11.24 23.29
CA VAL B 362 -30.17 -10.32 23.93
C VAL B 362 -29.91 -9.10 23.08
N PHE B 363 -30.33 -9.12 21.81
CA PHE B 363 -30.31 -7.93 20.97
C PHE B 363 -31.48 -6.99 21.28
N ASP B 364 -32.45 -7.43 22.07
CA ASP B 364 -33.63 -6.63 22.37
C ASP B 364 -33.60 -6.14 23.82
#